data_3GVL
#
_entry.id   3GVL
#
_cell.length_a   119.092
_cell.length_b   119.092
_cell.length_c   175.981
_cell.angle_alpha   90.00
_cell.angle_beta   90.00
_cell.angle_gamma   120.00
#
_symmetry.space_group_name_H-M   'H 3'
#
loop_
_entity.id
_entity.type
_entity.pdbx_description
1 polymer Endo-N-acetylneuraminidase
2 branched 'N-acetyl-alpha-neuraminic acid-(2-8)-N-acetyl-beta-neuraminic acid'
3 non-polymer 'N-acetyl-beta-neuraminic acid'
4 water water
#
_entity_poly.entity_id   1
_entity_poly.type   'polypeptide(L)'
_entity_poly.pdbx_seq_one_letter_code
;VPRGSAKGDGVTDDTAALTSALNDTPVGQKINGNGKTYKVTSLPDISRFINTRFVYERIPGQPLYYASEEFVQGELFKIT
DTPYYNAWPQDKAFVYENVIYAPYMGSDRHGVSRLHVSWVKSGDDGQTWSTPEWLTDLHPDYPTVNYHCMSMGVCRNRLF
AMIETRTLAKNALTNCALWDRPMSRSLHLTGGITKAANQRYATIHVPDHGLFVGDFVNFSNSAVTGVSGDMTVATVIDKD
NFTVLTPNQQTSDLNNAGKNWHMGTSFHKSPWRKTDLGLIPSVTEVHSFATIDNNGFAMGYHQGDVAPREVGLFYFPDAF
NSPSNYVRRQIPSEYEPDASEPCIKYYDGVLYLITRGTRGDRLGSSLHRSRDIGQTWESLRFPHNVHHTTLPFAKVGDDL
IMFGSERAENEWEAGAPDDRYKASYPRTFYARLNVNNWNADDIEWVNITDQIYQGGIVNSGVGVGSVVVKDNYIYYMFGG
EDHFNPWTYGDNSAKDPFKSDGHPSDLYCYKMKIGPDNRVSRDFRYGAVPNRAVPVFFDTNGVRTVPAPMEFTGDLGLGH
VTIRASTSSNIRSEVLMEGEYGFIGKSIPTDNPAGQRIIFCGGEGTSSTTGAQITLYGANNTDSRRIVYNGDEHLFQSAD
VKPYNDNVTALGGPSNRFTTAYLGSNPIVT
;
_entity_poly.pdbx_strand_id   A
#
loop_
_chem_comp.id
_chem_comp.type
_chem_comp.name
_chem_comp.formula
SIA D-saccharide, alpha linking 'N-acetyl-alpha-neuraminic acid' 'C11 H19 N O9'
SLB D-saccharide, beta linking 'N-acetyl-beta-neuraminic acid' 'C11 H19 N O9'
#
# COMPACT_ATOMS: atom_id res chain seq x y z
N VAL A 1 -61.75 -2.55 -14.83
CA VAL A 1 -60.43 -2.59 -15.54
C VAL A 1 -59.40 -3.38 -14.71
N PRO A 2 -58.94 -4.52 -15.24
CA PRO A 2 -57.96 -5.33 -14.50
C PRO A 2 -56.61 -4.63 -14.39
N ARG A 3 -55.95 -4.82 -13.25
CA ARG A 3 -54.60 -4.30 -13.04
C ARG A 3 -53.61 -5.44 -13.17
N GLY A 4 -52.42 -5.14 -13.69
CA GLY A 4 -51.36 -6.14 -13.79
C GLY A 4 -50.46 -6.05 -12.57
N SER A 5 -50.03 -7.19 -12.06
CA SER A 5 -49.04 -7.21 -11.00
C SER A 5 -47.65 -7.30 -11.62
N ALA A 6 -46.61 -7.10 -10.80
CA ALA A 6 -45.24 -7.19 -11.25
C ALA A 6 -44.91 -8.61 -11.67
N LYS A 7 -44.32 -8.76 -12.84
CA LYS A 7 -44.00 -10.07 -13.39
C LYS A 7 -42.62 -10.56 -13.00
N GLY A 8 -41.65 -9.64 -12.89
CA GLY A 8 -40.28 -10.01 -12.53
C GLY A 8 -39.66 -11.02 -13.49
N ASP A 9 -39.87 -10.80 -14.78
CA ASP A 9 -39.33 -11.68 -15.82
C ASP A 9 -38.23 -10.99 -16.64
N GLY A 10 -37.91 -9.74 -16.28
CA GLY A 10 -36.88 -8.97 -16.97
C GLY A 10 -37.25 -8.49 -18.36
N VAL A 11 -38.50 -8.70 -18.74
CA VAL A 11 -38.97 -8.31 -20.07
CA VAL A 11 -39.01 -8.38 -20.08
C VAL A 11 -40.23 -7.46 -20.01
N THR A 12 -41.23 -7.90 -19.25
CA THR A 12 -42.42 -7.09 -19.00
C THR A 12 -42.00 -5.80 -18.31
N ASP A 13 -42.55 -4.68 -18.77
CA ASP A 13 -42.29 -3.40 -18.14
C ASP A 13 -43.05 -3.36 -16.81
N ASP A 14 -42.32 -3.54 -15.72
CA ASP A 14 -42.91 -3.60 -14.38
C ASP A 14 -43.02 -2.24 -13.68
N THR A 15 -42.72 -1.16 -14.39
CA THR A 15 -42.68 0.18 -13.79
C THR A 15 -43.98 0.57 -13.10
N ALA A 16 -45.11 0.39 -13.78
CA ALA A 16 -46.42 0.75 -13.22
C ALA A 16 -46.74 -0.05 -11.95
N ALA A 17 -46.55 -1.36 -12.01
CA ALA A 17 -46.84 -2.23 -10.87
C ALA A 17 -45.97 -1.89 -9.66
N LEU A 18 -44.69 -1.62 -9.90
CA LEU A 18 -43.78 -1.27 -8.81
C LEU A 18 -44.11 0.10 -8.22
N THR A 19 -44.47 1.05 -9.07
CA THR A 19 -44.93 2.37 -8.63
C THR A 19 -46.16 2.26 -7.72
N SER A 20 -47.14 1.47 -8.14
CA SER A 20 -48.34 1.25 -7.34
CA SER A 20 -48.35 1.23 -7.35
C SER A 20 -48.01 0.59 -6.02
N ALA A 21 -47.13 -0.42 -6.04
CA ALA A 21 -46.70 -1.10 -4.82
C ALA A 21 -46.05 -0.14 -3.84
N LEU A 22 -45.15 0.71 -4.34
CA LEU A 22 -44.47 1.69 -3.49
C LEU A 22 -45.44 2.74 -2.94
N ASN A 23 -46.39 3.18 -3.76
CA ASN A 23 -47.41 4.13 -3.29
C ASN A 23 -48.33 3.55 -2.22
N ASP A 24 -48.60 2.25 -2.31
CA ASP A 24 -49.58 1.58 -1.45
C ASP A 24 -48.99 0.89 -0.22
N THR A 25 -47.67 0.92 -0.07
CA THR A 25 -47.00 0.26 1.05
CA THR A 25 -46.95 0.24 1.00
C THR A 25 -46.29 1.27 1.95
N PRO A 26 -46.31 1.00 3.28
CA PRO A 26 -45.59 1.89 4.21
C PRO A 26 -44.11 2.01 3.85
N VAL A 27 -43.53 3.20 4.02
CA VAL A 27 -42.15 3.47 3.61
CA VAL A 27 -42.16 3.48 3.59
C VAL A 27 -41.12 2.59 4.31
N GLY A 28 -41.47 2.14 5.52
CA GLY A 28 -40.58 1.29 6.30
C GLY A 28 -40.60 -0.19 5.97
N GLN A 29 -41.59 -0.62 5.18
CA GLN A 29 -41.68 -2.01 4.74
C GLN A 29 -40.55 -2.33 3.74
N LYS A 30 -39.90 -3.47 3.94
CA LYS A 30 -38.88 -3.94 3.01
C LYS A 30 -39.62 -4.77 1.99
N ILE A 31 -39.68 -4.29 0.74
CA ILE A 31 -40.41 -5.00 -0.31
C ILE A 31 -39.52 -6.10 -0.88
N ASN A 32 -39.93 -7.35 -0.70
CA ASN A 32 -39.13 -8.48 -1.15
C ASN A 32 -39.38 -8.80 -2.62
N GLY A 33 -38.33 -8.75 -3.44
CA GLY A 33 -38.45 -9.01 -4.88
C GLY A 33 -38.33 -10.48 -5.22
N ASN A 34 -38.16 -11.31 -4.19
CA ASN A 34 -38.10 -12.77 -4.36
C ASN A 34 -36.99 -13.23 -5.31
N GLY A 35 -35.89 -12.46 -5.36
CA GLY A 35 -34.75 -12.80 -6.18
C GLY A 35 -34.92 -12.62 -7.69
N LYS A 36 -36.02 -11.99 -8.08
CA LYS A 36 -36.35 -11.80 -9.50
CA LYS A 36 -36.35 -11.80 -9.50
C LYS A 36 -35.79 -10.49 -10.04
N THR A 37 -35.79 -10.38 -11.37
CA THR A 37 -35.32 -9.18 -12.07
C THR A 37 -36.51 -8.48 -12.70
N TYR A 38 -36.61 -7.17 -12.43
CA TYR A 38 -37.76 -6.37 -12.85
C TYR A 38 -37.32 -5.31 -13.82
N LYS A 39 -37.89 -5.33 -15.02
CA LYS A 39 -37.61 -4.29 -16.02
CA LYS A 39 -37.59 -4.29 -16.01
C LYS A 39 -38.35 -3.01 -15.65
N VAL A 40 -37.62 -1.89 -15.68
CA VAL A 40 -38.18 -0.59 -15.35
C VAL A 40 -37.68 0.47 -16.33
N THR A 41 -38.44 1.55 -16.46
CA THR A 41 -38.06 2.65 -17.38
C THR A 41 -37.16 3.69 -16.71
N SER A 42 -37.19 3.69 -15.38
CA SER A 42 -36.31 4.49 -14.53
CA SER A 42 -36.24 4.44 -14.57
C SER A 42 -36.12 3.71 -13.25
N LEU A 43 -35.00 3.90 -12.58
CA LEU A 43 -34.78 3.23 -11.29
C LEU A 43 -35.73 3.81 -10.23
N PRO A 44 -36.46 2.95 -9.53
CA PRO A 44 -37.35 3.41 -8.48
C PRO A 44 -36.55 3.66 -7.19
N ASP A 45 -37.25 3.81 -6.07
CA ASP A 45 -36.61 3.99 -4.77
C ASP A 45 -36.03 2.64 -4.30
N ILE A 46 -34.80 2.37 -4.73
CA ILE A 46 -34.15 1.08 -4.52
C ILE A 46 -34.03 0.72 -3.02
N SER A 47 -33.89 1.73 -2.18
CA SER A 47 -33.70 1.55 -0.74
C SER A 47 -34.87 0.84 -0.05
N ARG A 48 -36.03 0.84 -0.69
CA ARG A 48 -37.23 0.23 -0.10
C ARG A 48 -37.39 -1.25 -0.47
N PHE A 49 -36.46 -1.77 -1.28
CA PHE A 49 -36.49 -3.17 -1.71
C PHE A 49 -35.39 -4.00 -1.07
N ILE A 50 -35.69 -5.28 -0.83
CA ILE A 50 -34.64 -6.26 -0.56
C ILE A 50 -34.75 -7.40 -1.57
N ASN A 51 -33.63 -8.07 -1.84
CA ASN A 51 -33.66 -9.28 -2.65
C ASN A 51 -34.31 -9.03 -4.01
N THR A 52 -33.95 -7.90 -4.62
CA THR A 52 -34.52 -7.46 -5.89
C THR A 52 -33.41 -7.03 -6.83
N ARG A 53 -33.55 -7.37 -8.11
CA ARG A 53 -32.67 -6.83 -9.14
C ARG A 53 -33.51 -6.09 -10.17
N PHE A 54 -33.04 -4.93 -10.62
CA PHE A 54 -33.70 -4.18 -11.67
C PHE A 54 -32.88 -4.24 -12.95
N VAL A 55 -33.57 -4.31 -14.09
CA VAL A 55 -32.91 -4.13 -15.38
C VAL A 55 -33.44 -2.85 -16.01
N TYR A 56 -32.52 -1.99 -16.42
CA TYR A 56 -32.82 -0.63 -16.82
C TYR A 56 -31.87 -0.24 -17.96
N GLU A 57 -32.43 0.34 -19.00
CA GLU A 57 -31.62 0.85 -20.12
C GLU A 57 -31.52 2.37 -20.02
N ARG A 58 -30.54 2.86 -19.26
CA ARG A 58 -30.30 4.30 -19.19
C ARG A 58 -30.04 4.85 -20.58
N ILE A 59 -29.24 4.10 -21.35
CA ILE A 59 -29.06 4.34 -22.78
C ILE A 59 -29.79 3.22 -23.49
N PRO A 60 -30.76 3.58 -24.37
CA PRO A 60 -31.53 2.55 -25.07
C PRO A 60 -30.63 1.55 -25.80
N GLY A 61 -30.92 0.27 -25.64
CA GLY A 61 -30.13 -0.79 -26.24
C GLY A 61 -28.98 -1.28 -25.38
N GLN A 62 -28.83 -0.69 -24.20
CA GLN A 62 -27.73 -1.08 -23.29
C GLN A 62 -28.25 -1.39 -21.89
N PRO A 63 -28.90 -2.56 -21.73
CA PRO A 63 -29.40 -2.94 -20.42
C PRO A 63 -28.27 -3.18 -19.41
N LEU A 64 -28.46 -2.62 -18.22
CA LEU A 64 -27.60 -2.90 -17.09
C LEU A 64 -28.49 -3.25 -15.91
N TYR A 65 -27.89 -3.88 -14.91
CA TYR A 65 -28.63 -4.47 -13.81
C TYR A 65 -28.23 -3.78 -12.52
N TYR A 66 -29.20 -3.68 -11.62
CA TYR A 66 -29.04 -2.87 -10.40
C TYR A 66 -29.55 -3.66 -9.22
N ALA A 67 -28.69 -3.86 -8.22
CA ALA A 67 -29.03 -4.70 -7.07
C ALA A 67 -29.53 -3.90 -5.87
N SER A 68 -30.68 -4.29 -5.33
CA SER A 68 -31.12 -3.79 -4.04
C SER A 68 -30.26 -4.45 -2.96
N GLU A 69 -30.39 -3.98 -1.73
CA GLU A 69 -29.75 -4.66 -0.63
C GLU A 69 -30.23 -6.10 -0.55
N GLU A 70 -29.31 -6.99 -0.17
CA GLU A 70 -29.58 -8.41 0.07
C GLU A 70 -29.78 -9.26 -1.19
N PHE A 71 -29.80 -8.65 -2.37
CA PHE A 71 -29.89 -9.45 -3.58
C PHE A 71 -28.65 -10.34 -3.75
N VAL A 72 -27.49 -9.75 -3.49
CA VAL A 72 -26.18 -10.40 -3.42
C VAL A 72 -25.86 -10.45 -1.93
N GLN A 73 -25.24 -11.53 -1.46
CA GLN A 73 -24.67 -11.51 -0.11
C GLN A 73 -23.30 -10.85 -0.20
N GLY A 74 -23.26 -9.57 0.12
CA GLY A 74 -22.03 -8.80 -0.03
C GLY A 74 -22.08 -7.51 0.76
N GLU A 75 -20.93 -6.87 0.90
CA GLU A 75 -20.82 -5.66 1.70
C GLU A 75 -19.59 -4.89 1.25
N LEU A 76 -19.72 -3.56 1.21
CA LEU A 76 -18.59 -2.66 0.94
C LEU A 76 -17.93 -2.24 2.25
N PHE A 77 -16.60 -2.23 2.24
CA PHE A 77 -15.77 -1.71 3.33
C PHE A 77 -14.90 -0.57 2.83
N LYS A 78 -14.67 0.43 3.69
CA LYS A 78 -13.59 1.40 3.44
C LYS A 78 -12.34 0.88 4.13
N ILE A 79 -11.22 0.81 3.40
CA ILE A 79 -10.02 0.11 3.91
C ILE A 79 -8.76 0.97 4.07
N THR A 80 -8.71 2.14 3.43
CA THR A 80 -7.72 3.16 3.79
C THR A 80 -8.42 4.48 4.07
N ASP A 81 -7.75 5.31 4.86
CA ASP A 81 -8.23 6.66 5.16
C ASP A 81 -7.05 7.56 5.46
N THR A 82 -6.34 7.95 4.41
CA THR A 82 -5.05 8.56 4.47
C THR A 82 -5.09 9.80 3.57
N PRO A 83 -4.29 10.85 3.89
CA PRO A 83 -4.31 12.08 3.07
C PRO A 83 -3.63 11.96 1.71
N TYR A 84 -2.84 10.90 1.49
CA TYR A 84 -2.27 10.67 0.18
C TYR A 84 -3.35 10.38 -0.82
N TYR A 85 -3.01 10.54 -2.09
CA TYR A 85 -3.84 10.09 -3.20
C TYR A 85 -3.66 8.57 -3.24
N ASN A 86 -4.60 7.85 -2.66
CA ASN A 86 -4.52 6.39 -2.54
C ASN A 86 -5.39 5.72 -3.57
N ALA A 87 -4.75 5.07 -4.52
CA ALA A 87 -5.46 4.50 -5.66
C ALA A 87 -4.62 3.39 -6.27
N TRP A 88 -5.08 2.87 -7.40
CA TRP A 88 -4.37 1.84 -8.15
C TRP A 88 -3.97 0.57 -7.37
N PRO A 89 -4.94 -0.14 -6.77
CA PRO A 89 -4.63 -1.53 -6.38
C PRO A 89 -4.26 -2.35 -7.62
N GLN A 90 -4.72 -1.94 -8.80
CA GLN A 90 -4.44 -2.65 -10.04
C GLN A 90 -2.96 -2.99 -10.20
N ASP A 91 -2.60 -4.23 -10.51
CA ASP A 91 -3.40 -5.42 -10.22
C ASP A 91 -2.48 -6.28 -9.38
N LYS A 92 -2.49 -6.00 -8.08
CA LYS A 92 -1.42 -6.43 -7.18
C LYS A 92 -1.88 -7.26 -5.98
N ALA A 93 -3.19 -7.35 -5.75
CA ALA A 93 -3.68 -8.02 -4.54
C ALA A 93 -3.40 -9.52 -4.55
N PHE A 94 -3.21 -10.07 -3.36
CA PHE A 94 -3.00 -11.51 -3.21
C PHE A 94 -3.34 -11.93 -1.78
N VAL A 95 -3.51 -13.24 -1.60
CA VAL A 95 -3.69 -13.83 -0.30
C VAL A 95 -2.48 -14.71 -0.02
N TYR A 96 -1.91 -14.59 1.18
CA TYR A 96 -0.81 -15.45 1.58
C TYR A 96 -0.97 -15.85 3.03
N GLU A 97 -1.03 -17.16 3.24
CA GLU A 97 -1.10 -17.73 4.60
CA GLU A 97 -1.13 -17.76 4.57
C GLU A 97 -2.12 -16.99 5.46
N ASN A 98 -3.36 -16.98 4.98
CA ASN A 98 -4.55 -16.42 5.64
C ASN A 98 -4.69 -14.90 5.72
N VAL A 99 -3.70 -14.15 5.23
CA VAL A 99 -3.75 -12.70 5.24
C VAL A 99 -4.07 -12.17 3.85
N ILE A 100 -4.99 -11.23 3.78
CA ILE A 100 -5.34 -10.58 2.50
C ILE A 100 -4.49 -9.31 2.35
N TYR A 101 -3.76 -9.23 1.24
CA TYR A 101 -2.92 -8.05 0.94
C TYR A 101 -3.53 -7.19 -0.14
N ALA A 102 -3.64 -5.89 0.16
CA ALA A 102 -4.15 -4.90 -0.78
C ALA A 102 -3.05 -3.86 -1.06
N PRO A 103 -2.11 -4.19 -1.97
CA PRO A 103 -1.12 -3.22 -2.36
C PRO A 103 -1.70 -2.12 -3.26
N TYR A 104 -1.09 -0.95 -3.21
CA TYR A 104 -1.57 0.19 -3.96
C TYR A 104 -0.45 1.20 -4.08
N MET A 105 -0.75 2.34 -4.69
CA MET A 105 0.22 3.44 -4.70
C MET A 105 -0.40 4.65 -4.00
N GLY A 106 0.36 5.20 -3.05
CA GLY A 106 -0.02 6.43 -2.36
C GLY A 106 0.87 7.55 -2.85
N SER A 107 0.27 8.49 -3.59
CA SER A 107 1.03 9.58 -4.20
C SER A 107 0.33 10.90 -3.91
N ASP A 108 0.59 11.92 -4.72
CA ASP A 108 -0.18 13.15 -4.61
C ASP A 108 -0.98 13.47 -5.89
N ARG A 109 -0.92 12.57 -6.86
CA ARG A 109 -1.53 12.77 -8.17
C ARG A 109 -1.45 11.51 -9.03
N HIS A 110 -2.10 11.56 -10.20
CA HIS A 110 -1.88 10.56 -11.24
CA HIS A 110 -1.85 10.52 -11.18
C HIS A 110 -0.47 10.75 -11.81
N GLY A 111 0.48 10.14 -11.12
CA GLY A 111 1.90 10.29 -11.42
C GLY A 111 2.68 9.81 -10.23
N VAL A 112 4.01 9.91 -10.32
CA VAL A 112 4.90 9.35 -9.29
C VAL A 112 5.41 10.35 -8.25
N SER A 113 4.96 11.61 -8.32
CA SER A 113 5.30 12.59 -7.29
C SER A 113 4.82 12.10 -5.90
N ARG A 114 5.71 12.19 -4.91
CA ARG A 114 5.46 11.80 -3.51
C ARG A 114 5.04 10.33 -3.34
N LEU A 115 5.27 9.51 -4.36
CA LEU A 115 4.71 8.16 -4.39
C LEU A 115 5.51 7.13 -3.60
N HIS A 116 4.79 6.36 -2.79
CA HIS A 116 5.26 5.10 -2.22
C HIS A 116 4.36 3.95 -2.63
N VAL A 117 4.96 2.90 -3.18
CA VAL A 117 4.25 1.62 -3.30
C VAL A 117 3.97 1.18 -1.87
N SER A 118 2.71 0.87 -1.59
CA SER A 118 2.24 0.68 -0.23
C SER A 118 1.34 -0.55 -0.17
N TRP A 119 1.06 -1.04 1.02
CA TRP A 119 -0.09 -1.94 1.16
C TRP A 119 -0.79 -1.76 2.49
N VAL A 120 -2.05 -2.16 2.52
CA VAL A 120 -2.72 -2.47 3.78
C VAL A 120 -3.13 -3.93 3.71
N LYS A 121 -3.33 -4.54 4.87
CA LYS A 121 -3.57 -5.98 4.99
C LYS A 121 -4.77 -6.21 5.91
N SER A 122 -5.47 -7.33 5.72
CA SER A 122 -6.51 -7.73 6.66
C SER A 122 -6.22 -9.11 7.25
N GLY A 123 -6.26 -9.17 8.58
CA GLY A 123 -6.06 -10.42 9.30
C GLY A 123 -7.36 -11.00 9.80
N ASP A 124 -8.49 -10.46 9.35
CA ASP A 124 -9.79 -10.97 9.81
C ASP A 124 -10.79 -11.12 8.68
N ASP A 125 -10.30 -11.54 7.52
CA ASP A 125 -11.16 -11.84 6.37
C ASP A 125 -11.90 -10.59 5.91
N GLY A 126 -11.23 -9.45 6.05
CA GLY A 126 -11.66 -8.19 5.47
C GLY A 126 -12.47 -7.26 6.35
N GLN A 127 -12.67 -7.61 7.63
CA GLN A 127 -13.48 -6.74 8.49
C GLN A 127 -12.70 -5.50 8.89
N THR A 128 -11.40 -5.66 9.15
CA THR A 128 -10.54 -4.56 9.52
CA THR A 128 -10.53 -4.52 9.48
C THR A 128 -9.20 -4.64 8.78
N TRP A 129 -8.55 -3.49 8.62
CA TRP A 129 -7.33 -3.40 7.85
C TRP A 129 -6.24 -2.70 8.62
N SER A 130 -4.99 -3.01 8.26
CA SER A 130 -3.80 -2.53 8.97
C SER A 130 -3.40 -1.09 8.60
N THR A 131 -2.50 -0.54 9.43
CA THR A 131 -1.86 0.72 9.14
C THR A 131 -1.03 0.59 7.85
N PRO A 132 -1.12 1.57 6.93
CA PRO A 132 -0.36 1.44 5.69
C PRO A 132 1.13 1.22 5.91
N GLU A 133 1.73 0.36 5.09
CA GLU A 133 3.16 0.12 5.07
C GLU A 133 3.73 0.57 3.73
N TRP A 134 4.83 1.32 3.79
CA TRP A 134 5.58 1.68 2.58
C TRP A 134 6.52 0.55 2.20
N LEU A 135 6.36 0.08 0.98
CA LEU A 135 7.18 -0.99 0.41
C LEU A 135 8.38 -0.45 -0.33
N THR A 136 8.27 0.77 -0.86
CA THR A 136 9.38 1.45 -1.53
C THR A 136 9.64 2.78 -0.88
N ASP A 137 10.91 3.20 -0.89
CA ASP A 137 11.30 4.55 -0.57
CA ASP A 137 11.23 4.58 -0.55
C ASP A 137 11.21 5.41 -1.82
N LEU A 138 11.35 6.72 -1.65
CA LEU A 138 11.53 7.61 -2.77
C LEU A 138 12.83 7.21 -3.48
N HIS A 139 12.79 7.16 -4.82
CA HIS A 139 13.94 6.79 -5.64
C HIS A 139 15.15 7.66 -5.30
N PRO A 140 16.37 7.09 -5.33
CA PRO A 140 17.57 7.91 -5.05
C PRO A 140 17.68 9.18 -5.90
N ASP A 141 17.14 9.16 -7.12
CA ASP A 141 17.20 10.30 -8.03
C ASP A 141 15.92 11.16 -8.05
N TYR A 142 15.08 10.99 -7.03
CA TYR A 142 13.95 11.88 -6.80
C TYR A 142 14.50 13.31 -6.63
N PRO A 143 13.82 14.34 -7.17
CA PRO A 143 12.51 14.36 -7.83
C PRO A 143 12.51 14.25 -9.36
N THR A 144 13.55 13.71 -9.96
CA THR A 144 13.54 13.52 -11.41
C THR A 144 12.70 12.30 -11.76
N VAL A 145 12.89 11.22 -11.02
CA VAL A 145 12.18 9.96 -11.25
C VAL A 145 11.74 9.39 -9.91
N ASN A 146 10.77 8.47 -9.97
CA ASN A 146 10.34 7.73 -8.78
C ASN A 146 9.76 6.39 -9.19
N TYR A 147 9.50 5.54 -8.20
CA TYR A 147 8.98 4.20 -8.43
C TYR A 147 7.49 4.14 -8.73
N HIS A 148 7.07 2.98 -9.24
CA HIS A 148 5.71 2.74 -9.71
C HIS A 148 5.57 1.22 -9.78
N CYS A 149 4.38 0.71 -9.48
CA CYS A 149 4.17 -0.74 -9.56
C CYS A 149 2.70 -1.06 -9.75
N MET A 150 2.44 -1.87 -10.78
CA MET A 150 1.09 -2.41 -11.01
C MET A 150 1.11 -3.93 -11.17
N SER A 151 2.24 -4.57 -10.87
CA SER A 151 2.31 -6.03 -10.96
C SER A 151 3.06 -6.59 -9.76
N MET A 152 2.40 -7.46 -9.02
CA MET A 152 2.93 -7.98 -7.76
C MET A 152 2.18 -9.26 -7.43
N GLY A 153 2.87 -10.24 -6.87
CA GLY A 153 2.25 -11.50 -6.46
C GLY A 153 3.26 -12.39 -5.79
N VAL A 154 2.87 -13.63 -5.54
CA VAL A 154 3.70 -14.58 -4.80
C VAL A 154 3.96 -15.82 -5.64
N CYS A 155 5.23 -16.24 -5.67
CA CYS A 155 5.61 -17.49 -6.30
C CYS A 155 6.59 -18.19 -5.34
N ARG A 156 6.29 -19.45 -5.01
CA ARG A 156 7.10 -20.26 -4.09
C ARG A 156 7.61 -19.47 -2.87
N ASN A 157 6.67 -18.85 -2.16
CA ASN A 157 6.96 -18.23 -0.86
C ASN A 157 7.79 -16.95 -0.93
N ARG A 158 7.88 -16.39 -2.13
CA ARG A 158 8.53 -15.09 -2.34
C ARG A 158 7.57 -14.11 -2.98
N LEU A 159 7.60 -12.87 -2.48
CA LEU A 159 6.94 -11.77 -3.17
C LEU A 159 7.79 -11.38 -4.38
N PHE A 160 7.14 -11.27 -5.53
CA PHE A 160 7.76 -10.73 -6.76
C PHE A 160 6.98 -9.49 -7.20
N ALA A 161 7.69 -8.46 -7.64
CA ALA A 161 7.08 -7.22 -8.06
C ALA A 161 7.87 -6.60 -9.21
N MET A 162 7.17 -6.10 -10.21
CA MET A 162 7.82 -5.31 -11.25
C MET A 162 7.85 -3.87 -10.79
N ILE A 163 9.01 -3.45 -10.30
CA ILE A 163 9.21 -2.10 -9.83
C ILE A 163 9.73 -1.25 -10.98
N GLU A 164 8.88 -0.34 -11.43
CA GLU A 164 9.22 0.54 -12.53
C GLU A 164 9.76 1.86 -12.03
N THR A 165 10.62 2.48 -12.82
CA THR A 165 11.07 3.84 -12.56
C THR A 165 10.44 4.70 -13.65
N ARG A 166 9.80 5.79 -13.24
CA ARG A 166 9.10 6.70 -14.16
C ARG A 166 9.44 8.17 -13.85
N THR A 167 9.38 9.02 -14.86
CA THR A 167 9.65 10.44 -14.64
C THR A 167 8.51 11.15 -13.93
N LEU A 168 8.85 12.08 -13.03
CA LEU A 168 7.81 12.94 -12.46
C LEU A 168 7.19 13.83 -13.52
N ALA A 169 8.02 14.32 -14.44
CA ALA A 169 7.55 15.27 -15.46
C ALA A 169 6.42 14.72 -16.33
N LYS A 170 6.56 13.49 -16.83
CA LYS A 170 5.61 12.95 -17.80
C LYS A 170 5.08 11.55 -17.49
N ASN A 171 5.47 10.97 -16.36
CA ASN A 171 5.15 9.58 -16.04
C ASN A 171 5.65 8.60 -17.11
N ALA A 172 6.81 8.92 -17.69
CA ALA A 172 7.42 8.11 -18.75
C ALA A 172 8.28 7.04 -18.13
N LEU A 173 8.13 5.81 -18.62
CA LEU A 173 8.91 4.69 -18.14
C LEU A 173 10.38 4.83 -18.52
N THR A 174 11.27 4.68 -17.53
CA THR A 174 12.72 4.77 -17.73
CA THR A 174 12.72 4.74 -17.79
C THR A 174 13.45 3.45 -17.43
N ASN A 175 12.85 2.60 -16.59
CA ASN A 175 13.49 1.35 -16.16
C ASN A 175 12.49 0.36 -15.60
N CYS A 176 12.75 -0.91 -15.85
CA CYS A 176 12.00 -2.02 -15.25
C CYS A 176 12.94 -2.89 -14.45
N ALA A 177 12.56 -3.18 -13.21
CA ALA A 177 13.31 -4.11 -12.39
C ALA A 177 12.38 -5.10 -11.71
N LEU A 178 12.80 -6.35 -11.68
CA LEU A 178 12.09 -7.37 -10.90
C LEU A 178 12.67 -7.38 -9.50
N TRP A 179 11.84 -7.05 -8.51
CA TRP A 179 12.27 -7.13 -7.11
C TRP A 179 11.58 -8.31 -6.45
N ASP A 180 12.32 -9.05 -5.63
CA ASP A 180 11.70 -10.15 -4.92
C ASP A 180 12.29 -10.30 -3.52
N ARG A 181 11.50 -10.92 -2.63
CA ARG A 181 11.82 -10.95 -1.21
C ARG A 181 11.04 -12.13 -0.62
N PRO A 182 11.65 -12.87 0.31
CA PRO A 182 10.93 -13.98 0.94
C PRO A 182 9.77 -13.45 1.80
N MET A 183 8.64 -14.15 1.78
CA MET A 183 7.53 -13.83 2.66
C MET A 183 7.79 -14.36 4.08
N SER A 184 7.34 -13.63 5.10
CA SER A 184 7.48 -14.06 6.49
C SER A 184 6.56 -15.26 6.74
N ARG A 185 7.11 -16.28 7.39
CA ARG A 185 6.38 -17.52 7.72
C ARG A 185 6.93 -18.10 9.01
N SER A 186 6.05 -18.81 9.73
CA SER A 186 6.46 -19.71 10.81
CA SER A 186 6.48 -19.69 10.80
C SER A 186 6.18 -21.13 10.37
N LEU A 187 7.19 -21.99 10.50
CA LEU A 187 7.07 -23.38 10.12
C LEU A 187 7.27 -24.26 11.33
N HIS A 188 6.37 -25.22 11.51
CA HIS A 188 6.41 -26.14 12.63
C HIS A 188 6.70 -27.50 12.02
N LEU A 189 7.95 -27.94 12.20
CA LEU A 189 8.52 -29.03 11.41
C LEU A 189 9.01 -30.17 12.29
N THR A 190 9.13 -31.36 11.70
CA THR A 190 9.67 -32.52 12.38
C THR A 190 10.85 -33.05 11.59
N GLY A 191 12.02 -33.07 12.23
CA GLY A 191 13.24 -33.54 11.59
C GLY A 191 13.73 -32.61 10.50
N GLY A 192 14.78 -33.04 9.79
CA GLY A 192 15.26 -32.30 8.64
C GLY A 192 16.55 -31.52 8.84
N ILE A 193 17.06 -31.47 10.08
CA ILE A 193 18.31 -30.78 10.36
C ILE A 193 19.43 -31.76 10.67
N THR A 194 20.51 -31.68 9.88
CA THR A 194 21.70 -32.49 10.10
C THR A 194 22.96 -31.64 10.19
N LYS A 195 23.90 -32.08 11.01
CA LYS A 195 25.16 -31.35 11.19
C LYS A 195 26.26 -32.40 11.34
N ALA A 196 27.12 -32.48 10.33
CA ALA A 196 28.25 -33.42 10.33
C ALA A 196 29.26 -33.06 11.41
N ALA A 197 29.84 -34.09 12.01
CA ALA A 197 30.86 -33.92 13.04
C ALA A 197 32.05 -33.12 12.53
N ASN A 198 32.68 -32.37 13.44
CA ASN A 198 33.95 -31.68 13.19
C ASN A 198 33.91 -30.59 12.13
N GLN A 199 32.73 -30.02 11.93
CA GLN A 199 32.57 -28.85 11.07
C GLN A 199 31.34 -28.07 11.52
N ARG A 200 31.18 -26.87 11.00
CA ARG A 200 30.28 -25.90 11.62
C ARG A 200 28.96 -25.65 10.92
N TYR A 201 28.77 -26.25 9.75
CA TYR A 201 27.56 -26.01 8.96
C TYR A 201 26.48 -27.03 9.25
N ALA A 202 25.23 -26.58 9.18
CA ALA A 202 24.10 -27.49 9.28
C ALA A 202 23.23 -27.38 8.03
N THR A 203 22.73 -28.53 7.59
CA THR A 203 21.82 -28.59 6.45
CA THR A 203 21.84 -28.61 6.44
C THR A 203 20.39 -28.67 6.93
N ILE A 204 19.56 -27.79 6.36
CA ILE A 204 18.16 -27.65 6.73
C ILE A 204 17.30 -28.07 5.56
N HIS A 205 16.49 -29.11 5.77
CA HIS A 205 15.55 -29.58 4.77
C HIS A 205 14.20 -28.91 4.99
N VAL A 206 13.84 -28.02 4.07
CA VAL A 206 12.56 -27.32 4.07
C VAL A 206 12.10 -27.29 2.62
N PRO A 207 11.14 -28.17 2.24
CA PRO A 207 10.70 -28.19 0.85
C PRO A 207 10.22 -26.82 0.36
N ASP A 208 10.63 -26.47 -0.86
CA ASP A 208 10.19 -25.24 -1.54
C ASP A 208 10.39 -24.00 -0.67
N HIS A 209 11.54 -23.92 -0.02
CA HIS A 209 11.78 -22.87 0.97
C HIS A 209 11.75 -21.45 0.36
N GLY A 210 12.17 -21.33 -0.91
CA GLY A 210 12.18 -20.04 -1.59
C GLY A 210 13.20 -19.04 -1.07
N LEU A 211 14.19 -19.52 -0.32
CA LEU A 211 15.21 -18.63 0.25
C LEU A 211 16.46 -18.56 -0.61
N PHE A 212 17.15 -17.42 -0.53
CA PHE A 212 18.44 -17.25 -1.16
C PHE A 212 19.50 -17.00 -0.11
N VAL A 213 20.76 -17.19 -0.51
CA VAL A 213 21.89 -16.87 0.36
C VAL A 213 21.72 -15.46 0.90
N GLY A 214 21.89 -15.29 2.21
CA GLY A 214 21.75 -13.99 2.84
C GLY A 214 20.39 -13.72 3.46
N ASP A 215 19.38 -14.53 3.10
CA ASP A 215 18.05 -14.35 3.68
C ASP A 215 18.02 -14.77 5.16
N PHE A 216 17.12 -14.14 5.91
CA PHE A 216 16.97 -14.35 7.34
C PHE A 216 16.30 -15.69 7.63
N VAL A 217 16.83 -16.41 8.61
CA VAL A 217 16.18 -17.62 9.12
C VAL A 217 16.35 -17.70 10.62
N ASN A 218 15.25 -17.98 11.32
CA ASN A 218 15.26 -18.05 12.77
C ASN A 218 14.91 -19.48 13.19
N PHE A 219 15.58 -19.98 14.22
CA PHE A 219 15.41 -21.36 14.68
C PHE A 219 15.06 -21.45 16.16
N SER A 220 14.14 -22.35 16.48
CA SER A 220 13.79 -22.63 17.87
CA SER A 220 13.77 -22.63 17.86
C SER A 220 13.61 -24.12 18.06
N ASN A 221 14.11 -24.64 19.18
CA ASN A 221 13.94 -26.05 19.56
C ASN A 221 14.51 -27.05 18.57
N SER A 222 15.59 -26.68 17.88
CA SER A 222 16.14 -27.50 16.80
C SER A 222 16.69 -28.85 17.28
N ALA A 223 17.12 -28.88 18.54
CA ALA A 223 17.87 -30.00 19.14
C ALA A 223 19.16 -30.30 18.37
N VAL A 224 19.70 -29.27 17.69
CA VAL A 224 20.96 -29.38 16.99
C VAL A 224 21.84 -28.21 17.41
N THR A 225 22.90 -28.51 18.14
CA THR A 225 23.81 -27.51 18.69
C THR A 225 24.22 -26.46 17.66
N GLY A 226 24.04 -25.20 18.02
CA GLY A 226 24.42 -24.07 17.18
C GLY A 226 23.37 -23.62 16.16
N VAL A 227 22.35 -24.44 15.94
CA VAL A 227 21.24 -24.06 15.06
C VAL A 227 20.15 -23.49 15.95
N SER A 228 20.17 -22.17 16.11
CA SER A 228 19.41 -21.52 17.17
C SER A 228 19.37 -20.02 16.97
N GLY A 229 18.20 -19.43 17.19
CA GLY A 229 18.06 -17.98 17.12
C GLY A 229 18.14 -17.43 15.71
N ASP A 230 18.47 -16.14 15.61
CA ASP A 230 18.54 -15.45 14.33
C ASP A 230 19.80 -15.84 13.58
N MET A 231 19.60 -16.34 12.36
CA MET A 231 20.71 -16.79 11.51
C MET A 231 20.46 -16.30 10.08
N THR A 232 21.36 -16.66 9.17
CA THR A 232 21.16 -16.38 7.74
CA THR A 232 21.27 -16.33 7.75
C THR A 232 21.53 -17.59 6.89
N VAL A 233 20.94 -17.64 5.70
CA VAL A 233 21.25 -18.71 4.75
C VAL A 233 22.69 -18.54 4.23
N ALA A 234 23.52 -19.55 4.43
CA ALA A 234 24.92 -19.56 3.98
C ALA A 234 25.08 -20.05 2.54
N THR A 235 24.34 -21.12 2.23
CA THR A 235 24.30 -21.70 0.88
C THR A 235 22.91 -22.23 0.61
N VAL A 236 22.55 -22.32 -0.67
CA VAL A 236 21.36 -23.04 -1.09
CA VAL A 236 21.35 -23.04 -1.09
C VAL A 236 21.79 -24.26 -1.91
N ILE A 237 21.46 -25.45 -1.41
CA ILE A 237 21.86 -26.70 -2.07
C ILE A 237 20.95 -27.00 -3.25
N ASP A 238 19.65 -26.90 -3.02
CA ASP A 238 18.64 -27.08 -4.05
C ASP A 238 17.36 -26.44 -3.52
N LYS A 239 16.26 -26.60 -4.23
CA LYS A 239 15.01 -25.91 -3.87
C LYS A 239 14.45 -26.35 -2.52
N ASP A 240 14.92 -27.50 -2.00
CA ASP A 240 14.40 -28.08 -0.76
C ASP A 240 15.39 -28.08 0.41
N ASN A 241 16.62 -27.63 0.17
CA ASN A 241 17.68 -27.72 1.17
C ASN A 241 18.63 -26.53 1.13
N PHE A 242 19.00 -26.05 2.31
CA PHE A 242 19.97 -24.97 2.40
C PHE A 242 20.84 -25.20 3.63
N THR A 243 21.94 -24.45 3.76
CA THR A 243 22.77 -24.55 4.94
C THR A 243 22.89 -23.24 5.68
N VAL A 244 23.20 -23.35 6.98
CA VAL A 244 23.53 -22.22 7.83
C VAL A 244 24.87 -22.48 8.50
N LEU A 245 25.59 -21.40 8.80
CA LEU A 245 26.83 -21.48 9.56
C LEU A 245 26.53 -21.33 11.05
N THR A 246 26.81 -22.37 11.82
CA THR A 246 26.70 -22.28 13.29
C THR A 246 28.02 -21.78 13.88
N PRO A 247 28.00 -21.35 15.16
CA PRO A 247 29.26 -20.86 15.77
C PRO A 247 30.16 -21.96 16.34
N ASN A 248 29.81 -23.23 16.18
CA ASN A 248 30.52 -24.31 16.87
C ASN A 248 30.49 -25.66 16.15
N GLN A 249 31.26 -26.61 16.67
CA GLN A 249 31.32 -27.96 16.11
C GLN A 249 31.46 -29.02 17.20
N GLN A 250 30.98 -30.22 16.88
CA GLN A 250 30.88 -31.32 17.85
C GLN A 250 31.58 -32.54 17.25
N THR A 251 32.01 -33.46 18.12
CA THR A 251 32.76 -34.64 17.64
C THR A 251 31.87 -35.75 17.07
N SER A 252 30.56 -35.64 17.25
CA SER A 252 29.63 -36.61 16.68
C SER A 252 28.64 -35.95 15.72
N ASP A 253 28.12 -36.73 14.77
CA ASP A 253 27.07 -36.27 13.85
C ASP A 253 25.81 -35.95 14.64
N LEU A 254 25.08 -34.92 14.20
CA LEU A 254 23.78 -34.58 14.76
C LEU A 254 22.70 -34.68 13.70
N ASN A 255 21.53 -35.12 14.13
CA ASN A 255 20.38 -35.32 13.25
C ASN A 255 19.11 -35.27 14.11
N ASN A 256 18.23 -34.30 13.84
CA ASN A 256 17.03 -34.14 14.67
C ASN A 256 15.79 -34.87 14.16
N ALA A 257 15.99 -35.93 13.38
CA ALA A 257 14.89 -36.77 12.89
C ALA A 257 13.92 -37.11 14.02
N GLY A 258 12.64 -36.95 13.75
CA GLY A 258 11.58 -37.27 14.71
C GLY A 258 11.35 -36.23 15.80
N LYS A 259 12.11 -35.14 15.77
CA LYS A 259 11.99 -34.09 16.78
C LYS A 259 11.28 -32.86 16.20
N ASN A 260 10.36 -32.30 16.98
CA ASN A 260 9.58 -31.14 16.55
C ASN A 260 10.30 -29.85 16.84
N TRP A 261 10.38 -28.98 15.84
CA TRP A 261 11.08 -27.70 15.98
C TRP A 261 10.38 -26.60 15.17
N HIS A 262 10.92 -25.38 15.23
CA HIS A 262 10.29 -24.24 14.55
C HIS A 262 11.29 -23.40 13.76
N MET A 263 10.91 -23.03 12.54
CA MET A 263 11.66 -22.05 11.74
C MET A 263 10.73 -20.84 11.73
N GLY A 264 11.22 -19.61 11.67
CA GLY A 264 10.94 -18.86 10.49
C GLY A 264 11.74 -17.90 9.71
N THR A 265 11.02 -17.30 8.78
CA THR A 265 11.60 -16.46 7.77
C THR A 265 11.09 -15.05 8.01
N SER A 266 11.70 -14.09 7.33
CA SER A 266 11.33 -12.69 7.51
C SER A 266 11.48 -11.86 6.24
N PHE A 267 10.36 -11.28 5.81
CA PHE A 267 10.34 -10.28 4.76
C PHE A 267 11.19 -9.07 5.16
N HIS A 268 10.94 -8.56 6.38
CA HIS A 268 11.60 -7.34 6.81
CA HIS A 268 11.58 -7.34 6.92
C HIS A 268 13.11 -7.45 7.03
N LYS A 269 13.58 -8.62 7.47
CA LYS A 269 15.01 -8.82 7.75
C LYS A 269 15.80 -9.44 6.61
N SER A 270 15.15 -9.63 5.46
CA SER A 270 15.83 -10.10 4.25
C SER A 270 15.86 -8.98 3.23
N PRO A 271 16.95 -8.86 2.46
CA PRO A 271 17.01 -7.82 1.44
C PRO A 271 16.16 -8.18 0.22
N TRP A 272 15.77 -7.19 -0.56
CA TRP A 272 15.25 -7.44 -1.90
C TRP A 272 16.36 -8.03 -2.75
N ARG A 273 16.00 -8.98 -3.61
CA ARG A 273 16.84 -9.26 -4.76
C ARG A 273 16.30 -8.36 -5.86
N LYS A 274 17.18 -7.57 -6.47
CA LYS A 274 16.75 -6.63 -7.51
C LYS A 274 17.43 -7.01 -8.83
N THR A 275 16.62 -7.36 -9.82
CA THR A 275 17.14 -7.75 -11.12
C THR A 275 16.78 -6.67 -12.12
N ASP A 276 17.79 -5.96 -12.60
CA ASP A 276 17.61 -4.88 -13.56
C ASP A 276 17.27 -5.46 -14.93
N LEU A 277 16.10 -5.11 -15.46
CA LEU A 277 15.69 -5.57 -16.79
C LEU A 277 15.89 -4.48 -17.84
N GLY A 278 16.41 -3.34 -17.42
CA GLY A 278 16.61 -2.18 -18.29
C GLY A 278 15.29 -1.56 -18.72
N LEU A 279 15.34 -0.71 -19.74
CA LEU A 279 14.10 -0.20 -20.32
C LEU A 279 13.62 -1.23 -21.33
N ILE A 280 12.71 -2.10 -20.91
CA ILE A 280 12.15 -3.13 -21.79
C ILE A 280 11.49 -2.42 -22.97
N PRO A 281 11.93 -2.73 -24.21
CA PRO A 281 11.38 -2.01 -25.35
C PRO A 281 9.88 -2.28 -25.56
N SER A 282 9.18 -1.31 -26.13
CA SER A 282 7.74 -1.44 -26.44
C SER A 282 6.91 -1.83 -25.21
N VAL A 283 7.14 -1.11 -24.11
CA VAL A 283 6.34 -1.27 -22.89
C VAL A 283 5.97 0.11 -22.33
N THR A 284 4.69 0.28 -22.04
CA THR A 284 4.21 1.46 -21.32
C THR A 284 4.06 1.16 -19.82
N GLU A 285 3.40 0.04 -19.50
CA GLU A 285 3.18 -0.38 -18.12
C GLU A 285 3.22 -1.90 -18.04
N VAL A 286 3.77 -2.41 -16.95
CA VAL A 286 3.64 -3.81 -16.58
C VAL A 286 2.53 -3.86 -15.52
N HIS A 287 1.62 -4.82 -15.66
CA HIS A 287 0.37 -4.78 -14.92
C HIS A 287 -0.18 -6.20 -14.78
N SER A 288 -0.52 -6.58 -13.54
CA SER A 288 -1.13 -7.87 -13.20
C SER A 288 -0.11 -8.99 -13.15
N PHE A 289 -0.48 -10.07 -12.47
CA PHE A 289 0.44 -11.13 -12.08
C PHE A 289 -0.33 -12.44 -12.03
N ALA A 290 0.20 -13.46 -12.70
CA ALA A 290 -0.38 -14.81 -12.64
C ALA A 290 0.70 -15.81 -12.28
N THR A 291 0.61 -16.39 -11.08
CA THR A 291 1.51 -17.48 -10.72
C THR A 291 1.20 -18.67 -11.63
N ILE A 292 2.24 -19.22 -12.25
CA ILE A 292 2.05 -20.34 -13.17
C ILE A 292 2.31 -21.66 -12.46
N ASP A 293 3.45 -21.76 -11.78
CA ASP A 293 3.81 -22.99 -11.08
C ASP A 293 4.85 -22.70 -9.99
N ASN A 294 5.56 -23.73 -9.56
CA ASN A 294 6.56 -23.62 -8.51
C ASN A 294 7.82 -22.85 -8.93
N ASN A 295 7.97 -22.58 -10.23
CA ASN A 295 9.18 -21.96 -10.76
C ASN A 295 9.01 -20.55 -11.29
N GLY A 296 7.79 -20.16 -11.63
CA GLY A 296 7.60 -18.88 -12.29
C GLY A 296 6.18 -18.42 -12.46
N PHE A 297 6.03 -17.38 -13.27
CA PHE A 297 4.82 -16.59 -13.31
C PHE A 297 4.80 -15.74 -14.58
N ALA A 298 3.65 -15.15 -14.86
CA ALA A 298 3.52 -14.19 -15.94
C ALA A 298 3.09 -12.84 -15.38
N MET A 299 3.46 -11.78 -16.09
CA MET A 299 3.04 -10.42 -15.77
C MET A 299 2.46 -9.81 -17.03
N GLY A 300 1.33 -9.11 -16.91
CA GLY A 300 0.76 -8.44 -18.07
C GLY A 300 1.50 -7.18 -18.46
N TYR A 301 1.29 -6.73 -19.69
CA TYR A 301 1.84 -5.45 -20.13
C TYR A 301 1.03 -4.91 -21.29
N HIS A 302 1.21 -3.61 -21.56
CA HIS A 302 0.77 -3.04 -22.82
C HIS A 302 1.76 -1.96 -23.22
N GLN A 303 1.74 -1.64 -24.52
CA GLN A 303 2.42 -0.48 -25.05
C GLN A 303 1.34 0.36 -25.72
N GLY A 304 1.19 1.61 -25.28
CA GLY A 304 0.11 2.46 -25.75
C GLY A 304 0.48 3.91 -26.04
N ASP A 305 1.78 4.19 -26.07
CA ASP A 305 2.26 5.55 -26.32
C ASP A 305 2.33 5.84 -27.81
N VAL A 306 2.77 4.84 -28.58
CA VAL A 306 2.88 4.98 -30.04
C VAL A 306 2.13 3.85 -30.76
N ALA A 307 1.65 4.14 -31.96
CA ALA A 307 1.05 3.13 -32.82
C ALA A 307 2.16 2.22 -33.34
N PRO A 308 1.89 0.90 -33.43
CA PRO A 308 0.67 0.21 -33.01
C PRO A 308 0.72 -0.17 -31.52
N ARG A 309 -0.44 -0.25 -30.88
CA ARG A 309 -0.50 -0.78 -29.52
C ARG A 309 -0.06 -2.24 -29.47
N GLU A 310 0.55 -2.63 -28.35
CA GLU A 310 0.73 -4.02 -27.99
C GLU A 310 0.01 -4.28 -26.68
N VAL A 311 -0.54 -5.49 -26.54
CA VAL A 311 -1.05 -5.97 -25.26
C VAL A 311 -0.67 -7.42 -25.14
N GLY A 312 -0.21 -7.84 -23.97
CA GLY A 312 0.11 -9.24 -23.78
C GLY A 312 0.66 -9.51 -22.41
N LEU A 313 1.64 -10.42 -22.36
CA LEU A 313 2.25 -10.80 -21.10
C LEU A 313 3.71 -11.12 -21.30
N PHE A 314 4.46 -11.05 -20.20
CA PHE A 314 5.81 -11.57 -20.13
C PHE A 314 5.79 -12.78 -19.22
N TYR A 315 6.24 -13.93 -19.74
CA TYR A 315 6.33 -15.15 -18.96
C TYR A 315 7.76 -15.37 -18.49
N PHE A 316 7.94 -15.46 -17.17
CA PHE A 316 9.22 -15.77 -16.56
C PHE A 316 9.18 -17.25 -16.14
N PRO A 317 9.75 -18.16 -16.96
CA PRO A 317 9.54 -19.59 -16.68
C PRO A 317 10.28 -20.09 -15.44
N ASP A 318 11.43 -19.49 -15.14
CA ASP A 318 12.19 -19.85 -13.96
C ASP A 318 12.75 -18.60 -13.32
N ALA A 319 11.91 -17.95 -12.51
CA ALA A 319 12.24 -16.68 -11.90
C ALA A 319 13.25 -16.83 -10.76
N PHE A 320 13.40 -18.06 -10.26
CA PHE A 320 14.34 -18.31 -9.18
C PHE A 320 15.78 -18.38 -9.66
N ASN A 321 16.04 -19.22 -10.65
CA ASN A 321 17.38 -19.31 -11.23
C ASN A 321 17.69 -18.23 -12.24
N SER A 322 16.65 -17.78 -12.96
CA SER A 322 16.84 -16.88 -14.10
C SER A 322 15.83 -15.73 -14.13
N PRO A 323 15.89 -14.83 -13.12
CA PRO A 323 14.93 -13.72 -13.05
C PRO A 323 14.99 -12.76 -14.24
N SER A 324 16.09 -12.77 -14.98
CA SER A 324 16.24 -11.86 -16.12
C SER A 324 15.69 -12.45 -17.43
N ASN A 325 15.30 -13.72 -17.40
CA ASN A 325 14.82 -14.41 -18.60
CA ASN A 325 14.82 -14.41 -18.60
C ASN A 325 13.29 -14.46 -18.67
N TYR A 326 12.73 -13.86 -19.72
CA TYR A 326 11.29 -13.84 -19.91
C TYR A 326 10.98 -13.85 -21.41
N VAL A 327 9.75 -14.23 -21.75
CA VAL A 327 9.31 -14.25 -23.13
C VAL A 327 8.04 -13.41 -23.29
N ARG A 328 8.03 -12.62 -24.34
CA ARG A 328 6.92 -11.73 -24.67
CA ARG A 328 6.93 -11.73 -24.66
C ARG A 328 5.88 -12.48 -25.50
N ARG A 329 4.62 -12.42 -25.06
CA ARG A 329 3.53 -13.07 -25.75
C ARG A 329 2.37 -12.09 -25.90
N GLN A 330 2.01 -11.77 -27.14
CA GLN A 330 0.93 -10.82 -27.40
C GLN A 330 -0.42 -11.54 -27.61
N ILE A 331 -1.50 -10.85 -27.28
CA ILE A 331 -2.84 -11.28 -27.69
C ILE A 331 -3.00 -11.07 -29.20
N PRO A 332 -4.08 -11.62 -29.81
CA PRO A 332 -4.23 -11.45 -31.27
C PRO A 332 -4.34 -9.97 -31.65
N SER A 333 -3.75 -9.62 -32.80
CA SER A 333 -3.63 -8.23 -33.24
CA SER A 333 -3.64 -8.23 -33.25
C SER A 333 -4.97 -7.48 -33.29
N GLU A 334 -6.04 -8.17 -33.63
CA GLU A 334 -7.35 -7.51 -33.72
C GLU A 334 -7.89 -6.98 -32.39
N TYR A 335 -7.32 -7.44 -31.28
CA TYR A 335 -7.79 -7.06 -29.96
C TYR A 335 -6.88 -6.04 -29.28
N GLU A 336 -5.81 -5.67 -29.97
CA GLU A 336 -4.81 -4.75 -29.41
C GLU A 336 -5.15 -3.25 -29.55
N PRO A 337 -5.87 -2.84 -30.62
CA PRO A 337 -6.20 -1.41 -30.68
C PRO A 337 -7.08 -0.98 -29.50
N ASP A 338 -6.84 0.25 -29.03
CA ASP A 338 -7.65 0.85 -27.95
C ASP A 338 -7.72 -0.05 -26.71
N ALA A 339 -6.60 -0.70 -26.39
CA ALA A 339 -6.55 -1.65 -25.28
C ALA A 339 -5.31 -1.43 -24.41
N SER A 340 -5.44 -1.72 -23.12
CA SER A 340 -4.34 -1.58 -22.19
C SER A 340 -4.53 -2.47 -20.96
N GLU A 341 -3.54 -2.44 -20.08
CA GLU A 341 -3.65 -2.94 -18.70
C GLU A 341 -4.42 -4.27 -18.58
N PRO A 342 -3.87 -5.34 -19.18
CA PRO A 342 -4.54 -6.63 -19.08
C PRO A 342 -4.45 -7.23 -17.67
N CYS A 343 -5.54 -7.82 -17.21
CA CYS A 343 -5.55 -8.64 -16.00
C CYS A 343 -5.37 -10.09 -16.41
N ILE A 344 -4.43 -10.79 -15.77
CA ILE A 344 -4.17 -12.19 -16.07
C ILE A 344 -4.22 -13.08 -14.84
N LYS A 345 -4.81 -14.25 -15.01
CA LYS A 345 -4.84 -15.31 -13.98
CA LYS A 345 -4.83 -15.30 -13.98
C LYS A 345 -4.75 -16.67 -14.62
N TYR A 346 -4.27 -17.64 -13.86
CA TYR A 346 -4.01 -18.98 -14.35
C TYR A 346 -4.74 -19.99 -13.50
N TYR A 347 -5.60 -20.78 -14.14
CA TYR A 347 -6.38 -21.81 -13.45
C TYR A 347 -6.41 -23.08 -14.29
N ASP A 348 -6.01 -24.19 -13.66
CA ASP A 348 -6.12 -25.53 -14.25
C ASP A 348 -5.60 -25.57 -15.68
N GLY A 349 -4.40 -25.01 -15.86
CA GLY A 349 -3.70 -25.03 -17.15
C GLY A 349 -4.19 -24.01 -18.17
N VAL A 350 -5.11 -23.13 -17.76
CA VAL A 350 -5.63 -22.11 -18.66
C VAL A 350 -5.25 -20.72 -18.15
N LEU A 351 -4.61 -19.94 -19.04
CA LEU A 351 -4.29 -18.55 -18.77
CA LEU A 351 -4.29 -18.55 -18.77
C LEU A 351 -5.40 -17.69 -19.35
N TYR A 352 -6.06 -16.91 -18.47
CA TYR A 352 -7.11 -15.99 -18.88
C TYR A 352 -6.59 -14.57 -18.83
N LEU A 353 -6.98 -13.76 -19.81
CA LEU A 353 -6.53 -12.38 -19.91
C LEU A 353 -7.71 -11.50 -20.31
N ILE A 354 -7.93 -10.42 -19.58
CA ILE A 354 -9.00 -9.46 -19.90
C ILE A 354 -8.39 -8.07 -20.03
N THR A 355 -8.66 -7.40 -21.15
CA THR A 355 -8.12 -6.06 -21.40
C THR A 355 -9.01 -4.94 -20.86
N ARG A 356 -8.39 -3.77 -20.69
CA ARG A 356 -9.06 -2.50 -20.49
C ARG A 356 -9.25 -1.84 -21.87
N GLY A 357 -10.45 -1.35 -22.14
CA GLY A 357 -10.70 -0.57 -23.36
C GLY A 357 -10.41 0.89 -23.06
N THR A 358 -9.90 1.63 -24.05
CA THR A 358 -9.50 3.01 -23.80
C THR A 358 -10.48 4.04 -24.33
N ARG A 359 -11.48 3.58 -25.09
CA ARG A 359 -12.44 4.47 -25.74
C ARG A 359 -13.84 3.91 -25.70
N GLY A 360 -14.81 4.76 -25.35
CA GLY A 360 -16.21 4.35 -25.35
C GLY A 360 -16.84 4.26 -26.72
N ASP A 361 -16.15 4.81 -27.72
CA ASP A 361 -16.66 4.84 -29.10
C ASP A 361 -15.95 3.85 -30.03
N ARG A 362 -15.14 2.96 -29.45
CA ARG A 362 -14.50 1.89 -30.23
C ARG A 362 -14.60 0.60 -29.44
N LEU A 363 -14.47 -0.53 -30.12
CA LEU A 363 -14.52 -1.83 -29.46
C LEU A 363 -13.62 -1.86 -28.23
N GLY A 364 -14.15 -2.42 -27.15
CA GLY A 364 -13.54 -2.26 -25.83
C GLY A 364 -12.98 -3.55 -25.26
N SER A 365 -13.08 -3.71 -23.94
CA SER A 365 -12.57 -4.89 -23.24
C SER A 365 -12.87 -6.19 -23.96
N SER A 366 -11.85 -7.03 -24.01
CA SER A 366 -11.95 -8.36 -24.57
C SER A 366 -11.32 -9.38 -23.62
N LEU A 367 -11.77 -10.62 -23.76
CA LEU A 367 -11.36 -11.74 -22.92
C LEU A 367 -10.69 -12.80 -23.77
N HIS A 368 -9.62 -13.39 -23.24
CA HIS A 368 -8.81 -14.36 -23.97
C HIS A 368 -8.40 -15.49 -23.06
N ARG A 369 -8.35 -16.70 -23.61
CA ARG A 369 -7.84 -17.85 -22.87
C ARG A 369 -6.82 -18.61 -23.70
N SER A 370 -5.84 -19.19 -23.02
CA SER A 370 -4.74 -19.89 -23.68
C SER A 370 -4.35 -21.12 -22.88
N ARG A 371 -4.06 -22.21 -23.58
CA ARG A 371 -3.57 -23.42 -22.93
C ARG A 371 -2.08 -23.64 -23.14
N ASP A 372 -1.40 -22.61 -23.65
CA ASP A 372 0.04 -22.69 -23.87
C ASP A 372 0.75 -21.41 -23.42
N ILE A 373 0.24 -20.82 -22.34
CA ILE A 373 0.81 -19.60 -21.72
C ILE A 373 1.00 -18.46 -22.73
N GLY A 374 -0.03 -18.27 -23.56
CA GLY A 374 -0.10 -17.11 -24.44
C GLY A 374 0.44 -17.23 -25.84
N GLN A 375 0.84 -18.44 -26.24
CA GLN A 375 1.28 -18.67 -27.62
C GLN A 375 0.11 -18.69 -28.61
N THR A 376 -1.00 -19.31 -28.22
CA THR A 376 -2.23 -19.28 -28.99
C THR A 376 -3.38 -18.89 -28.06
N TRP A 377 -4.44 -18.35 -28.65
CA TRP A 377 -5.57 -17.83 -27.88
C TRP A 377 -6.93 -18.14 -28.50
N GLU A 378 -7.93 -18.23 -27.64
CA GLU A 378 -9.33 -18.13 -28.03
CA GLU A 378 -9.33 -18.12 -28.04
C GLU A 378 -9.85 -16.82 -27.43
N SER A 379 -10.66 -16.09 -28.18
CA SER A 379 -11.02 -14.71 -27.80
C SER A 379 -12.50 -14.37 -27.91
N LEU A 380 -12.89 -13.36 -27.14
CA LEU A 380 -14.25 -12.88 -27.12
CA LEU A 380 -14.26 -12.88 -27.04
C LEU A 380 -14.22 -11.37 -26.83
N ARG A 381 -15.15 -10.63 -27.44
CA ARG A 381 -15.26 -9.19 -27.19
C ARG A 381 -16.46 -8.95 -26.31
N PHE A 382 -16.32 -8.19 -25.22
CA PHE A 382 -17.51 -7.81 -24.45
C PHE A 382 -18.33 -6.84 -25.26
N PRO A 383 -19.66 -6.98 -25.22
CA PRO A 383 -20.48 -6.03 -25.97
C PRO A 383 -20.44 -4.62 -25.38
N HIS A 384 -20.69 -3.64 -26.24
CA HIS A 384 -20.90 -2.25 -25.83
C HIS A 384 -19.66 -1.51 -25.33
N ASN A 385 -18.50 -1.84 -25.89
CA ASN A 385 -17.32 -0.99 -25.72
C ASN A 385 -17.01 -0.70 -24.25
N VAL A 386 -16.85 -1.75 -23.45
CA VAL A 386 -16.45 -1.59 -22.05
C VAL A 386 -15.11 -0.86 -22.04
N HIS A 387 -15.01 0.21 -21.24
CA HIS A 387 -13.84 1.09 -21.34
C HIS A 387 -13.54 1.82 -20.02
N HIS A 388 -12.30 2.31 -19.91
CA HIS A 388 -11.79 3.10 -18.79
C HIS A 388 -11.55 2.33 -17.51
N THR A 389 -11.94 1.05 -17.50
CA THR A 389 -11.78 0.22 -16.31
C THR A 389 -10.97 -1.02 -16.64
N THR A 390 -10.14 -1.43 -15.70
CA THR A 390 -9.61 -2.78 -15.75
C THR A 390 -10.72 -3.72 -15.24
N LEU A 391 -10.60 -4.99 -15.57
CA LEU A 391 -11.57 -5.99 -15.17
C LEU A 391 -10.91 -7.13 -14.43
N PRO A 392 -10.41 -6.84 -13.21
CA PRO A 392 -9.81 -7.92 -12.44
C PRO A 392 -10.85 -8.97 -12.10
N PHE A 393 -10.40 -10.20 -11.90
CA PHE A 393 -11.30 -11.32 -11.87
C PHE A 393 -10.65 -12.49 -11.17
N ALA A 394 -11.50 -13.45 -10.80
CA ALA A 394 -11.09 -14.77 -10.34
C ALA A 394 -12.01 -15.80 -10.98
N LYS A 395 -11.56 -17.05 -10.98
CA LYS A 395 -12.40 -18.15 -11.46
C LYS A 395 -12.94 -18.92 -10.27
N VAL A 396 -14.27 -19.04 -10.20
CA VAL A 396 -14.93 -19.82 -9.16
C VAL A 396 -15.87 -20.80 -9.86
N GLY A 397 -15.57 -22.10 -9.74
CA GLY A 397 -16.30 -23.10 -10.50
C GLY A 397 -16.15 -22.82 -11.98
N ASP A 398 -17.26 -22.82 -12.70
CA ASP A 398 -17.24 -22.62 -14.14
C ASP A 398 -17.27 -21.15 -14.57
N ASP A 399 -17.31 -20.25 -13.59
CA ASP A 399 -17.46 -18.83 -13.87
C ASP A 399 -16.20 -18.01 -13.61
N LEU A 400 -15.88 -17.13 -14.54
CA LEU A 400 -15.06 -15.97 -14.22
C LEU A 400 -15.97 -14.94 -13.57
N ILE A 401 -15.54 -14.41 -12.43
CA ILE A 401 -16.27 -13.36 -11.73
C ILE A 401 -15.39 -12.13 -11.82
N MET A 402 -15.88 -11.13 -12.55
CA MET A 402 -15.11 -9.94 -12.84
CA MET A 402 -15.15 -9.91 -12.92
C MET A 402 -15.79 -8.70 -12.26
N PHE A 403 -14.94 -7.74 -11.87
CA PHE A 403 -15.38 -6.47 -11.32
C PHE A 403 -14.84 -5.30 -12.12
N GLY A 404 -15.65 -4.26 -12.24
CA GLY A 404 -15.20 -3.03 -12.85
C GLY A 404 -15.95 -1.84 -12.32
N SER A 405 -15.39 -0.65 -12.54
CA SER A 405 -15.98 0.60 -12.05
C SER A 405 -15.84 1.67 -13.10
N GLU A 406 -16.94 2.34 -13.43
CA GLU A 406 -16.78 3.58 -14.20
C GLU A 406 -16.06 4.61 -13.31
N ARG A 407 -15.35 5.54 -13.95
CA ARG A 407 -14.47 6.43 -13.20
C ARG A 407 -15.21 7.68 -12.73
N ALA A 408 -16.32 7.98 -13.40
CA ALA A 408 -17.25 9.01 -13.02
C ALA A 408 -18.62 8.56 -13.48
N GLU A 409 -19.68 9.13 -12.93
CA GLU A 409 -21.03 8.65 -13.22
C GLU A 409 -21.41 8.74 -14.71
N ASN A 410 -22.10 7.72 -15.19
CA ASN A 410 -22.64 7.68 -16.57
C ASN A 410 -21.61 7.61 -17.70
N GLU A 411 -20.46 7.02 -17.41
CA GLU A 411 -19.41 6.79 -18.41
C GLU A 411 -19.33 5.34 -18.92
N TRP A 412 -20.01 4.41 -18.25
CA TRP A 412 -19.89 2.97 -18.54
C TRP A 412 -20.28 2.62 -19.98
N GLU A 413 -21.44 3.12 -20.39
CA GLU A 413 -22.04 2.74 -21.68
C GLU A 413 -21.24 3.10 -22.92
N ALA A 414 -21.40 2.31 -23.97
CA ALA A 414 -20.86 2.65 -25.28
C ALA A 414 -21.42 3.99 -25.70
N GLY A 415 -20.54 4.86 -26.22
CA GLY A 415 -20.93 6.17 -26.71
C GLY A 415 -21.14 7.22 -25.65
N ALA A 416 -21.03 6.84 -24.37
CA ALA A 416 -21.20 7.79 -23.28
C ALA A 416 -19.99 8.74 -23.20
N PRO A 417 -20.23 10.06 -23.22
CA PRO A 417 -19.08 10.95 -23.13
C PRO A 417 -18.47 10.95 -21.74
N ASP A 418 -17.19 11.28 -21.65
CA ASP A 418 -16.56 11.50 -20.34
C ASP A 418 -17.33 12.60 -19.62
N ASP A 419 -17.47 12.45 -18.31
CA ASP A 419 -18.24 13.41 -17.52
CA ASP A 419 -18.30 13.28 -17.44
C ASP A 419 -17.45 13.78 -16.27
N ARG A 420 -16.50 14.69 -16.51
CA ARG A 420 -15.58 15.12 -15.46
C ARG A 420 -15.83 16.55 -15.01
N TYR A 421 -15.07 16.99 -14.00
CA TYR A 421 -15.10 18.37 -13.50
C TYR A 421 -16.37 18.73 -12.75
N LYS A 422 -17.10 17.70 -12.32
CA LYS A 422 -18.24 17.86 -11.44
CA LYS A 422 -18.23 17.87 -11.43
C LYS A 422 -18.43 16.61 -10.61
N ALA A 423 -18.91 16.79 -9.40
CA ALA A 423 -19.11 15.66 -8.49
C ALA A 423 -20.17 14.71 -9.03
N SER A 424 -19.96 13.41 -8.85
CA SER A 424 -20.95 12.41 -9.23
C SER A 424 -20.77 11.10 -8.48
N TYR A 425 -21.64 10.14 -8.77
CA TYR A 425 -21.69 8.87 -8.05
C TYR A 425 -21.47 7.71 -9.03
N PRO A 426 -20.22 7.44 -9.42
CA PRO A 426 -19.95 6.36 -10.38
C PRO A 426 -20.39 4.97 -9.89
N ARG A 427 -20.90 4.18 -10.82
CA ARG A 427 -21.36 2.82 -10.59
C ARG A 427 -20.22 1.79 -10.67
N THR A 428 -20.22 0.89 -9.69
CA THR A 428 -19.34 -0.30 -9.70
C THR A 428 -20.20 -1.54 -10.03
N PHE A 429 -19.67 -2.37 -10.92
CA PHE A 429 -20.38 -3.53 -11.43
C PHE A 429 -19.58 -4.80 -11.21
N TYR A 430 -20.29 -5.93 -11.16
CA TYR A 430 -19.65 -7.21 -11.38
C TYR A 430 -20.42 -8.02 -12.40
N ALA A 431 -19.75 -9.01 -12.97
CA ALA A 431 -20.42 -9.94 -13.89
C ALA A 431 -19.81 -11.33 -13.81
N ARG A 432 -20.61 -12.32 -14.18
CA ARG A 432 -20.16 -13.70 -14.31
C ARG A 432 -20.13 -14.10 -15.76
N LEU A 433 -19.09 -14.85 -16.12
CA LEU A 433 -19.02 -15.41 -17.47
C LEU A 433 -18.67 -16.89 -17.35
N ASN A 434 -19.55 -17.73 -17.87
CA ASN A 434 -19.35 -19.17 -17.85
C ASN A 434 -18.33 -19.56 -18.92
N VAL A 435 -17.21 -20.15 -18.50
CA VAL A 435 -16.13 -20.46 -19.44
C VAL A 435 -16.45 -21.57 -20.45
N ASN A 436 -17.39 -22.45 -20.11
CA ASN A 436 -17.82 -23.50 -21.04
C ASN A 436 -18.59 -22.91 -22.20
N ASN A 437 -19.49 -21.97 -21.89
CA ASN A 437 -20.35 -21.36 -22.91
C ASN A 437 -19.59 -20.37 -23.80
N TRP A 438 -18.56 -19.73 -23.24
CA TRP A 438 -17.65 -18.82 -23.96
C TRP A 438 -18.38 -17.84 -24.90
N ASN A 439 -19.35 -17.12 -24.37
CA ASN A 439 -20.06 -16.10 -25.12
CA ASN A 439 -20.05 -16.08 -25.12
C ASN A 439 -20.49 -14.95 -24.21
N ALA A 440 -20.03 -13.74 -24.52
CA ALA A 440 -20.35 -12.60 -23.67
C ALA A 440 -21.52 -11.77 -24.20
N ASP A 441 -22.18 -12.25 -25.25
CA ASP A 441 -23.28 -11.49 -25.84
C ASP A 441 -24.35 -11.10 -24.82
N ASP A 442 -24.68 -12.03 -23.93
CA ASP A 442 -25.75 -11.80 -22.96
CA ASP A 442 -25.75 -11.82 -22.95
C ASP A 442 -25.23 -11.52 -21.54
N ILE A 443 -23.99 -11.04 -21.44
CA ILE A 443 -23.40 -10.72 -20.14
C ILE A 443 -24.25 -9.72 -19.35
N GLU A 444 -24.31 -9.93 -18.04
CA GLU A 444 -25.15 -9.11 -17.17
C GLU A 444 -24.26 -8.38 -16.17
N TRP A 445 -24.02 -7.09 -16.41
CA TRP A 445 -23.25 -6.27 -15.47
C TRP A 445 -24.19 -5.80 -14.38
N VAL A 446 -23.86 -6.13 -13.14
CA VAL A 446 -24.73 -5.86 -12.01
C VAL A 446 -24.12 -4.78 -11.11
N ASN A 447 -24.79 -3.64 -11.05
CA ASN A 447 -24.36 -2.54 -10.20
C ASN A 447 -24.66 -2.88 -8.73
N ILE A 448 -23.58 -3.08 -7.98
CA ILE A 448 -23.62 -3.55 -6.59
C ILE A 448 -23.25 -2.50 -5.53
N THR A 449 -22.58 -1.44 -5.96
CA THR A 449 -22.20 -0.33 -5.07
C THR A 449 -21.91 0.91 -5.93
N ASP A 450 -22.13 2.09 -5.37
CA ASP A 450 -21.76 3.35 -6.01
C ASP A 450 -20.73 4.06 -5.16
N GLN A 451 -19.78 4.68 -5.87
CA GLN A 451 -18.68 5.44 -5.27
C GLN A 451 -18.93 6.92 -5.52
N ILE A 452 -18.00 7.75 -5.05
CA ILE A 452 -18.01 9.19 -5.32
C ILE A 452 -16.78 9.55 -6.15
N TYR A 453 -17.02 10.34 -7.19
CA TYR A 453 -15.97 11.03 -7.95
C TYR A 453 -16.07 12.51 -7.57
N GLN A 454 -14.97 13.07 -7.04
CA GLN A 454 -15.01 14.39 -6.41
C GLN A 454 -15.22 15.55 -7.39
N GLY A 455 -14.52 15.52 -8.51
CA GLY A 455 -14.73 16.49 -9.60
C GLY A 455 -13.84 17.72 -9.61
N GLY A 456 -12.99 17.86 -8.59
CA GLY A 456 -12.11 19.03 -8.49
C GLY A 456 -10.96 19.01 -9.48
N ILE A 457 -10.63 17.83 -10.01
CA ILE A 457 -9.67 17.66 -11.10
C ILE A 457 -10.23 16.63 -12.09
N VAL A 458 -9.65 16.56 -13.28
CA VAL A 458 -10.18 15.69 -14.34
C VAL A 458 -9.98 14.22 -13.99
N ASN A 459 -8.88 13.93 -13.30
CA ASN A 459 -8.51 12.55 -12.96
C ASN A 459 -9.42 11.96 -11.91
N SER A 460 -9.55 10.63 -11.93
CA SER A 460 -10.36 9.91 -10.97
C SER A 460 -9.60 8.74 -10.37
N GLY A 461 -9.62 8.63 -9.05
CA GLY A 461 -9.07 7.45 -8.38
C GLY A 461 -10.05 6.30 -8.24
N VAL A 462 -11.28 6.49 -8.73
CA VAL A 462 -12.30 5.45 -8.62
C VAL A 462 -11.91 4.21 -9.43
N GLY A 463 -12.05 3.03 -8.82
CA GLY A 463 -11.86 1.78 -9.54
C GLY A 463 -10.43 1.30 -9.66
N VAL A 464 -10.09 0.91 -10.88
CA VAL A 464 -8.78 0.34 -11.25
C VAL A 464 -8.17 -0.52 -10.12
N GLY A 465 -8.89 -1.61 -9.86
CA GLY A 465 -8.69 -2.40 -8.66
C GLY A 465 -8.08 -3.77 -8.89
N SER A 466 -8.36 -4.68 -7.97
CA SER A 466 -7.72 -5.97 -7.94
C SER A 466 -8.64 -6.92 -7.20
N VAL A 467 -8.57 -8.20 -7.53
CA VAL A 467 -9.50 -9.19 -7.02
C VAL A 467 -8.76 -10.41 -6.46
N VAL A 468 -9.20 -10.88 -5.29
CA VAL A 468 -8.74 -12.16 -4.75
C VAL A 468 -9.89 -12.97 -4.19
N VAL A 469 -9.69 -14.28 -4.07
CA VAL A 469 -10.64 -15.15 -3.38
C VAL A 469 -9.94 -15.67 -2.12
N LYS A 470 -10.66 -15.64 -1.00
CA LYS A 470 -10.23 -16.35 0.20
C LYS A 470 -11.40 -17.12 0.75
N ASP A 471 -11.21 -18.43 0.88
CA ASP A 471 -12.28 -19.34 1.28
C ASP A 471 -13.48 -19.14 0.32
N ASN A 472 -14.66 -18.87 0.89
N ASN A 472 -14.71 -18.97 0.81
CA ASN A 472 -15.91 -18.75 0.15
CA ASN A 472 -15.83 -18.78 -0.12
C ASN A 472 -16.31 -17.31 -0.18
C ASN A 472 -16.29 -17.33 -0.20
N TYR A 473 -15.33 -16.41 -0.16
CA TYR A 473 -15.57 -14.97 -0.39
C TYR A 473 -14.62 -14.47 -1.46
N ILE A 474 -15.14 -13.58 -2.30
CA ILE A 474 -14.34 -12.86 -3.28
C ILE A 474 -14.24 -11.40 -2.83
N TYR A 475 -13.10 -10.78 -3.08
CA TYR A 475 -12.80 -9.44 -2.63
C TYR A 475 -12.33 -8.60 -3.81
N TYR A 476 -13.00 -7.47 -4.01
CA TYR A 476 -12.61 -6.48 -5.01
C TYR A 476 -12.09 -5.25 -4.26
N MET A 477 -10.79 -5.03 -4.35
CA MET A 477 -10.15 -3.88 -3.73
CA MET A 477 -10.14 -3.88 -3.73
C MET A 477 -9.95 -2.81 -4.79
N PHE A 478 -10.43 -1.60 -4.51
CA PHE A 478 -10.49 -0.58 -5.53
C PHE A 478 -10.60 0.81 -4.94
N GLY A 479 -10.42 1.83 -5.77
CA GLY A 479 -10.43 3.21 -5.30
C GLY A 479 -11.82 3.82 -5.28
N GLY A 480 -11.97 4.84 -4.44
CA GLY A 480 -13.17 5.66 -4.40
C GLY A 480 -12.80 7.01 -3.82
N GLU A 481 -13.53 8.05 -4.20
CA GLU A 481 -13.26 9.38 -3.66
C GLU A 481 -14.34 9.79 -2.66
N ASP A 482 -14.25 11.03 -2.20
CA ASP A 482 -15.28 11.64 -1.34
C ASP A 482 -15.46 13.07 -1.87
N HIS A 483 -16.33 13.87 -1.25
CA HIS A 483 -16.59 15.22 -1.74
C HIS A 483 -15.58 16.30 -1.33
N PHE A 484 -14.51 15.92 -0.62
CA PHE A 484 -13.50 16.90 -0.23
C PHE A 484 -12.51 17.20 -1.36
N ASN A 485 -12.53 18.44 -1.83
CA ASN A 485 -11.67 18.93 -2.91
C ASN A 485 -10.21 18.94 -2.47
N PRO A 486 -9.28 18.46 -3.32
CA PRO A 486 -7.84 18.55 -3.01
C PRO A 486 -7.28 19.97 -3.16
N TRP A 487 -8.07 20.87 -3.72
CA TRP A 487 -7.67 22.28 -3.92
C TRP A 487 -6.45 22.42 -4.82
N THR A 488 -6.35 21.54 -5.81
CA THR A 488 -5.36 21.70 -6.90
C THR A 488 -5.63 23.02 -7.63
N TYR A 489 -6.91 23.30 -7.89
CA TYR A 489 -7.33 24.61 -8.35
C TYR A 489 -7.87 25.29 -7.10
N GLY A 490 -7.03 26.15 -6.55
CA GLY A 490 -7.19 26.64 -5.19
C GLY A 490 -5.84 26.81 -4.55
N ASP A 491 -5.81 26.69 -3.22
CA ASP A 491 -4.62 27.01 -2.43
C ASP A 491 -3.60 25.87 -2.33
N ASN A 492 -3.84 24.76 -3.01
CA ASN A 492 -2.90 23.62 -2.94
C ASN A 492 -2.53 23.04 -4.31
N SER A 493 -2.12 23.91 -5.22
CA SER A 493 -1.63 23.47 -6.52
C SER A 493 -0.39 22.58 -6.40
N ALA A 494 0.35 22.72 -5.30
CA ALA A 494 1.52 21.88 -5.04
C ALA A 494 1.13 20.45 -4.64
N LYS A 495 -0.15 20.26 -4.31
CA LYS A 495 -0.70 18.92 -4.01
C LYS A 495 -0.14 18.31 -2.74
N ASP A 496 0.24 19.16 -1.79
CA ASP A 496 0.70 18.72 -0.47
C ASP A 496 -0.41 17.94 0.24
N PRO A 497 -0.19 16.63 0.51
CA PRO A 497 -1.27 15.84 1.13
C PRO A 497 -1.66 16.32 2.52
N PHE A 498 -0.76 17.03 3.20
CA PHE A 498 -0.99 17.34 4.61
C PHE A 498 -1.64 18.68 4.88
N LYS A 499 -2.03 19.36 3.79
CA LYS A 499 -2.86 20.56 3.88
CA LYS A 499 -2.86 20.55 3.90
C LYS A 499 -4.32 20.16 3.77
N SER A 500 -5.16 20.82 4.57
CA SER A 500 -6.61 20.62 4.50
CA SER A 500 -6.61 20.61 4.54
C SER A 500 -6.95 19.11 4.57
N ASP A 501 -7.80 18.64 3.65
CA ASP A 501 -8.23 17.23 3.67
C ASP A 501 -7.39 16.37 2.75
N GLY A 502 -6.25 16.88 2.30
CA GLY A 502 -5.41 16.15 1.37
C GLY A 502 -6.19 15.66 0.17
N HIS A 503 -5.90 14.43 -0.25
CA HIS A 503 -6.44 13.89 -1.48
C HIS A 503 -7.58 12.91 -1.20
N PRO A 504 -8.71 13.05 -1.91
CA PRO A 504 -9.92 12.31 -1.56
C PRO A 504 -9.90 10.83 -1.90
N SER A 505 -8.99 10.41 -2.78
CA SER A 505 -8.94 9.00 -3.14
C SER A 505 -8.46 8.12 -1.99
N ASP A 506 -9.23 7.07 -1.73
CA ASP A 506 -8.90 6.06 -0.74
C ASP A 506 -9.40 4.71 -1.22
N LEU A 507 -8.96 3.65 -0.56
CA LEU A 507 -9.33 2.31 -0.98
C LEU A 507 -10.57 1.76 -0.27
N TYR A 508 -11.32 0.96 -1.03
CA TYR A 508 -12.49 0.23 -0.58
C TYR A 508 -12.33 -1.22 -0.97
N CYS A 509 -13.10 -2.09 -0.31
CA CYS A 509 -13.13 -3.49 -0.66
CA CYS A 509 -13.13 -3.47 -0.71
CA CYS A 509 -13.12 -3.50 -0.61
C CYS A 509 -14.56 -4.00 -0.63
N TYR A 510 -15.02 -4.52 -1.76
CA TYR A 510 -16.32 -5.18 -1.79
C TYR A 510 -16.09 -6.67 -1.53
N LYS A 511 -16.67 -7.14 -0.43
CA LYS A 511 -16.57 -8.54 -0.02
C LYS A 511 -17.87 -9.25 -0.37
N MET A 512 -17.78 -10.21 -1.28
CA MET A 512 -18.95 -10.91 -1.80
C MET A 512 -18.87 -12.40 -1.53
N LYS A 513 -19.95 -12.97 -1.00
CA LYS A 513 -20.01 -14.41 -0.75
C LYS A 513 -20.20 -15.17 -2.07
N ILE A 514 -19.36 -16.19 -2.26
CA ILE A 514 -19.30 -16.93 -3.51
CA ILE A 514 -19.36 -16.94 -3.51
C ILE A 514 -19.54 -18.45 -3.34
N GLY A 515 -19.70 -18.86 -2.09
CA GLY A 515 -20.00 -20.26 -1.77
C GLY A 515 -20.53 -20.32 -0.34
N PRO A 516 -20.97 -21.51 0.10
CA PRO A 516 -21.53 -21.67 1.45
CA PRO A 516 -21.54 -21.65 1.45
C PRO A 516 -20.54 -21.30 2.56
N ASP A 517 -21.06 -20.71 3.62
CA ASP A 517 -20.32 -20.40 4.83
C ASP A 517 -20.89 -21.31 5.91
N ASN A 518 -20.15 -22.35 6.28
CA ASN A 518 -20.65 -23.40 7.17
C ASN A 518 -20.28 -23.20 8.63
N ARG A 519 -19.96 -21.96 8.99
CA ARG A 519 -19.67 -21.61 10.39
C ARG A 519 -20.59 -20.49 10.84
N VAL A 520 -20.77 -20.37 12.14
CA VAL A 520 -21.45 -19.24 12.77
CA VAL A 520 -21.51 -19.23 12.65
C VAL A 520 -20.67 -17.96 12.40
N SER A 521 -21.36 -16.84 12.37
CA SER A 521 -20.72 -15.58 11.98
C SER A 521 -19.50 -15.17 12.82
N ARG A 522 -18.49 -14.65 12.13
CA ARG A 522 -17.36 -14.02 12.81
C ARG A 522 -17.52 -12.51 12.91
N ASP A 523 -18.62 -11.98 12.38
CA ASP A 523 -18.73 -10.51 12.24
C ASP A 523 -18.79 -9.83 13.60
N PHE A 524 -18.15 -8.68 13.68
CA PHE A 524 -18.24 -7.82 14.87
C PHE A 524 -18.44 -6.37 14.47
N ARG A 525 -19.00 -5.60 15.39
CA ARG A 525 -18.95 -4.15 15.29
CA ARG A 525 -18.94 -4.16 15.29
C ARG A 525 -17.65 -3.69 15.95
N TYR A 526 -16.94 -2.81 15.27
CA TYR A 526 -15.68 -2.31 15.80
C TYR A 526 -15.98 -1.17 16.77
N GLY A 527 -15.66 -1.37 18.05
CA GLY A 527 -15.93 -0.39 19.08
C GLY A 527 -14.69 0.04 19.85
N ALA A 528 -13.52 -0.39 19.38
CA ALA A 528 -12.25 -0.12 20.08
C ALA A 528 -11.66 1.23 19.69
N VAL A 529 -10.82 1.79 20.57
CA VAL A 529 -9.92 2.85 20.14
C VAL A 529 -8.86 2.26 19.21
N PRO A 530 -8.80 2.72 17.95
CA PRO A 530 -7.70 2.22 17.09
C PRO A 530 -6.35 2.57 17.72
N ASN A 531 -5.55 1.57 18.06
CA ASN A 531 -4.38 1.83 18.90
C ASN A 531 -3.14 1.12 18.36
N ARG A 532 -3.10 0.93 17.04
CA ARG A 532 -1.93 0.35 16.37
C ARG A 532 -1.02 1.43 15.79
N ALA A 533 -1.60 2.43 15.14
CA ALA A 533 -0.81 3.45 14.43
C ALA A 533 0.01 4.30 15.40
N VAL A 534 -0.66 4.83 16.42
CA VAL A 534 -0.01 5.56 17.50
C VAL A 534 -0.48 4.98 18.81
N PRO A 535 0.17 3.90 19.29
CA PRO A 535 -0.35 3.19 20.46
C PRO A 535 -0.25 4.03 21.73
N VAL A 536 -1.41 4.37 22.29
CA VAL A 536 -1.51 5.21 23.49
C VAL A 536 -2.10 4.44 24.66
N PHE A 537 -1.49 4.63 25.82
CA PHE A 537 -1.97 4.05 27.08
C PHE A 537 -1.96 5.13 28.12
N PHE A 538 -3.06 5.30 28.85
CA PHE A 538 -3.03 6.18 30.00
C PHE A 538 -2.18 5.53 31.09
N ASP A 539 -1.05 6.15 31.41
CA ASP A 539 -0.14 5.61 32.42
CA ASP A 539 -0.15 5.58 32.41
C ASP A 539 -0.74 5.71 33.81
N THR A 540 -0.05 5.18 34.81
CA THR A 540 -0.61 5.19 36.17
C THR A 540 -0.74 6.60 36.77
N ASN A 541 -0.09 7.57 36.12
CA ASN A 541 -0.20 8.98 36.52
CA ASN A 541 -0.18 8.98 36.50
CA ASN A 541 -0.14 8.99 36.46
C ASN A 541 -1.25 9.74 35.72
N GLY A 542 -1.98 9.02 34.86
CA GLY A 542 -3.08 9.63 34.09
C GLY A 542 -2.67 10.37 32.82
N VAL A 543 -1.45 10.10 32.32
CA VAL A 543 -0.94 10.79 31.15
C VAL A 543 -0.81 9.82 29.97
N ARG A 544 -1.31 10.25 28.80
CA ARG A 544 -1.20 9.49 27.57
C ARG A 544 0.25 9.15 27.27
N THR A 545 0.53 7.87 27.10
CA THR A 545 1.88 7.38 26.89
C THR A 545 1.97 6.52 25.63
N VAL A 546 2.96 6.83 24.78
CA VAL A 546 3.18 6.13 23.52
C VAL A 546 4.52 5.39 23.67
N PRO A 547 4.49 4.05 23.79
CA PRO A 547 5.74 3.30 23.98
C PRO A 547 6.46 2.92 22.69
N ALA A 548 5.80 3.08 21.54
CA ALA A 548 6.39 2.69 20.26
C ALA A 548 7.45 3.68 19.78
N PRO A 549 8.51 3.19 19.10
CA PRO A 549 9.40 4.14 18.44
C PRO A 549 8.66 4.83 17.29
N MET A 550 8.95 6.11 17.09
CA MET A 550 8.31 6.83 16.00
CA MET A 550 8.27 6.91 16.07
C MET A 550 9.23 7.85 15.36
N GLU A 551 8.92 8.14 14.11
CA GLU A 551 9.61 9.15 13.33
C GLU A 551 8.62 10.22 12.93
N PHE A 552 8.91 11.46 13.31
CA PHE A 552 8.14 12.61 12.87
C PHE A 552 9.03 13.34 11.89
N THR A 553 8.66 13.34 10.61
CA THR A 553 9.50 13.94 9.59
C THR A 553 9.00 15.33 9.17
N GLY A 554 7.75 15.63 9.49
CA GLY A 554 7.20 16.97 9.20
C GLY A 554 7.64 17.96 10.26
N ASP A 555 7.59 19.25 9.93
CA ASP A 555 7.99 20.28 10.88
C ASP A 555 7.19 20.21 12.16
N LEU A 556 7.89 20.22 13.29
CA LEU A 556 7.27 20.11 14.61
C LEU A 556 7.41 21.36 15.43
N GLY A 557 6.30 21.75 16.08
CA GLY A 557 6.31 22.78 17.11
C GLY A 557 5.98 22.08 18.41
N LEU A 558 6.84 22.28 19.42
CA LEU A 558 6.70 21.67 20.74
C LEU A 558 6.54 22.75 21.80
N GLY A 559 5.80 22.45 22.86
CA GLY A 559 5.68 23.34 24.00
C GLY A 559 6.78 23.06 25.02
N HIS A 560 6.40 22.94 26.29
CA HIS A 560 7.38 22.58 27.31
C HIS A 560 7.86 21.16 27.06
N VAL A 561 9.17 20.98 27.01
CA VAL A 561 9.75 19.66 26.75
C VAL A 561 10.60 19.19 27.91
N THR A 562 10.40 17.94 28.32
CA THR A 562 11.29 17.24 29.24
C THR A 562 11.88 16.03 28.54
N ILE A 563 13.21 15.92 28.54
CA ILE A 563 13.88 14.76 27.99
C ILE A 563 14.17 13.84 29.17
N ARG A 564 13.49 12.70 29.19
CA ARG A 564 13.57 11.75 30.32
C ARG A 564 14.83 10.92 30.26
N ALA A 565 15.21 10.34 31.40
CA ALA A 565 16.33 9.39 31.43
C ALA A 565 15.96 8.21 30.52
N SER A 566 16.88 7.82 29.64
CA SER A 566 16.56 6.82 28.62
C SER A 566 17.72 5.90 28.25
N THR A 567 18.95 6.31 28.56
CA THR A 567 20.11 5.75 27.91
C THR A 567 21.20 5.33 28.90
N SER A 568 21.86 4.21 28.57
CA SER A 568 22.93 3.61 29.38
CA SER A 568 22.92 3.59 29.38
C SER A 568 22.44 3.24 30.79
N SER A 569 21.58 2.22 30.85
CA SER A 569 20.93 1.81 32.10
C SER A 569 20.18 2.99 32.72
N ASN A 570 19.61 3.82 31.84
CA ASN A 570 18.84 5.01 32.22
C ASN A 570 19.61 6.02 33.09
N ILE A 571 20.93 6.04 32.98
CA ILE A 571 21.74 7.02 33.71
C ILE A 571 21.56 8.43 33.15
N ARG A 572 21.28 8.53 31.85
CA ARG A 572 21.25 9.85 31.22
C ARG A 572 20.05 10.06 30.30
N SER A 573 19.70 11.32 30.15
CA SER A 573 18.85 11.76 29.05
C SER A 573 19.78 12.09 27.88
N GLU A 574 19.27 11.93 26.67
CA GLU A 574 20.12 12.06 25.48
C GLU A 574 19.39 12.62 24.28
N VAL A 575 20.01 13.63 23.67
CA VAL A 575 19.61 14.13 22.36
C VAL A 575 20.81 14.01 21.42
N LEU A 576 20.63 13.35 20.28
CA LEU A 576 21.67 13.25 19.25
C LEU A 576 21.24 14.03 18.02
N MET A 577 22.16 14.78 17.44
CA MET A 577 21.86 15.57 16.25
C MET A 577 22.57 14.99 15.03
N GLU A 578 21.81 14.79 13.95
CA GLU A 578 22.36 14.23 12.72
C GLU A 578 22.70 15.30 11.69
N GLY A 579 22.95 14.88 10.45
CA GLY A 579 23.43 15.80 9.41
C GLY A 579 24.93 16.02 9.48
N GLU A 580 25.45 16.87 8.59
CA GLU A 580 26.84 17.29 8.67
C GLU A 580 27.07 18.03 9.98
N TYR A 581 26.12 18.89 10.34
CA TYR A 581 26.20 19.61 11.63
C TYR A 581 24.81 19.81 12.20
N GLY A 582 24.78 20.06 13.50
CA GLY A 582 23.57 20.48 14.19
C GLY A 582 23.61 21.97 14.48
N PHE A 583 22.43 22.55 14.59
CA PHE A 583 22.27 23.95 14.90
C PHE A 583 21.17 24.09 15.95
N ILE A 584 21.50 24.70 17.08
CA ILE A 584 20.53 25.09 18.09
C ILE A 584 20.57 26.61 18.19
N GLY A 585 19.45 27.25 17.85
CA GLY A 585 19.41 28.71 17.77
C GLY A 585 18.13 29.28 18.38
N LYS A 586 18.03 30.60 18.31
CA LYS A 586 17.02 31.37 19.02
C LYS A 586 16.31 32.32 18.05
N SER A 587 14.99 32.18 17.93
CA SER A 587 14.21 33.06 17.06
C SER A 587 14.27 34.50 17.53
N ILE A 588 14.04 35.44 16.61
CA ILE A 588 13.91 36.83 17.00
C ILE A 588 12.60 36.99 17.78
N PRO A 589 12.68 37.40 19.06
CA PRO A 589 11.44 37.54 19.84
C PRO A 589 10.47 38.55 19.20
N THR A 590 9.19 38.24 19.25
CA THR A 590 8.14 39.08 18.66
CA THR A 590 8.18 39.11 18.64
C THR A 590 7.90 40.34 19.49
N ASP A 591 7.84 40.18 20.81
CA ASP A 591 7.48 41.26 21.73
C ASP A 591 8.66 41.99 22.40
N ASN A 592 9.68 41.23 22.82
CA ASN A 592 10.86 41.83 23.44
C ASN A 592 12.16 41.36 22.77
N PRO A 593 12.42 41.84 21.54
CA PRO A 593 13.66 41.42 20.85
C PRO A 593 14.92 41.76 21.63
N ALA A 594 14.86 42.80 22.45
CA ALA A 594 16.00 43.24 23.26
C ALA A 594 16.48 42.19 24.27
N GLY A 595 15.65 41.18 24.53
CA GLY A 595 16.00 40.08 25.43
C GLY A 595 16.55 38.83 24.75
N GLN A 596 16.63 38.82 23.43
CA GLN A 596 16.99 37.60 22.67
C GLN A 596 18.26 36.92 23.20
N ARG A 597 18.11 35.68 23.65
CA ARG A 597 19.26 34.90 24.17
C ARG A 597 18.82 33.47 24.44
N ILE A 598 19.80 32.57 24.60
CA ILE A 598 19.53 31.26 25.20
C ILE A 598 20.41 31.11 26.43
N ILE A 599 19.80 30.65 27.53
CA ILE A 599 20.50 30.29 28.75
C ILE A 599 20.65 28.79 28.78
N PHE A 600 21.90 28.32 28.77
CA PHE A 600 22.22 26.89 28.96
C PHE A 600 22.64 26.73 30.42
N CYS A 601 22.09 25.72 31.11
CA CYS A 601 22.31 25.60 32.55
C CYS A 601 22.52 24.14 32.95
N GLY A 602 23.51 23.91 33.81
CA GLY A 602 23.76 22.59 34.39
C GLY A 602 22.81 22.24 35.53
N GLY A 603 21.92 23.18 35.85
CA GLY A 603 20.94 23.01 36.93
C GLY A 603 19.50 23.26 36.46
N GLU A 604 18.58 23.23 37.43
CA GLU A 604 17.15 23.10 37.13
CA GLU A 604 17.16 23.09 37.12
C GLU A 604 16.43 24.39 36.78
N GLY A 605 17.04 25.53 37.05
CA GLY A 605 16.34 26.79 36.88
C GLY A 605 17.12 27.90 36.24
N THR A 606 16.42 28.96 35.88
CA THR A 606 17.04 30.10 35.23
C THR A 606 18.02 30.84 36.15
N SER A 607 17.83 30.75 37.46
CA SER A 607 18.79 31.36 38.39
C SER A 607 20.11 30.61 38.34
N SER A 608 21.21 31.35 38.21
CA SER A 608 22.53 30.75 38.21
C SER A 608 22.89 30.07 39.53
N THR A 609 22.11 30.31 40.59
CA THR A 609 22.30 29.60 41.84
CA THR A 609 22.31 29.58 41.84
C THR A 609 22.07 28.09 41.66
N THR A 610 21.30 27.71 40.64
CA THR A 610 20.95 26.30 40.44
C THR A 610 22.01 25.50 39.68
N GLY A 611 22.93 26.19 38.99
CA GLY A 611 23.94 25.49 38.21
C GLY A 611 24.76 26.43 37.36
N ALA A 612 25.88 25.92 36.86
CA ALA A 612 26.73 26.68 35.94
C ALA A 612 25.92 27.03 34.69
N GLN A 613 26.17 28.23 34.16
CA GLN A 613 25.44 28.71 32.99
C GLN A 613 26.37 29.29 31.95
N ILE A 614 26.01 29.09 30.70
CA ILE A 614 26.54 29.90 29.61
C ILE A 614 25.33 30.50 28.93
N THR A 615 25.37 31.82 28.71
CA THR A 615 24.27 32.51 28.05
C THR A 615 24.78 33.15 26.77
N LEU A 616 24.18 32.74 25.66
CA LEU A 616 24.50 33.29 24.34
C LEU A 616 23.46 34.34 24.01
N TYR A 617 23.92 35.57 23.83
CA TYR A 617 23.03 36.69 23.56
C TYR A 617 22.87 36.90 22.06
N GLY A 618 21.63 37.12 21.62
CA GLY A 618 21.36 37.34 20.20
C GLY A 618 21.85 38.69 19.74
N ALA A 619 21.93 38.87 18.43
CA ALA A 619 22.33 40.17 17.87
C ALA A 619 21.31 41.25 18.21
N ASN A 620 20.05 40.85 18.38
CA ASN A 620 18.98 41.80 18.71
C ASN A 620 18.94 42.21 20.17
N ASN A 621 19.65 41.47 21.01
CA ASN A 621 19.77 41.83 22.41
C ASN A 621 20.43 43.19 22.57
N THR A 622 19.98 43.92 23.60
CA THR A 622 20.62 45.19 23.98
C THR A 622 22.13 45.02 24.13
N ASP A 623 22.54 43.88 24.71
CA ASP A 623 23.95 43.51 24.76
C ASP A 623 24.21 42.54 23.61
N SER A 624 24.38 43.12 22.43
CA SER A 624 24.42 42.38 21.17
CA SER A 624 24.41 42.36 21.17
C SER A 624 25.57 41.39 21.10
N ARG A 625 25.24 40.11 20.93
CA ARG A 625 26.24 39.04 20.79
C ARG A 625 27.17 38.86 22.00
N ARG A 626 26.71 39.29 23.17
CA ARG A 626 27.44 39.04 24.41
C ARG A 626 27.43 37.54 24.70
N ILE A 627 28.51 37.06 25.32
CA ILE A 627 28.49 35.75 25.99
C ILE A 627 28.88 35.96 27.45
N VAL A 628 28.06 35.42 28.35
CA VAL A 628 28.41 35.36 29.77
C VAL A 628 28.60 33.91 30.18
N TYR A 629 29.79 33.61 30.70
CA TYR A 629 30.11 32.30 31.21
C TYR A 629 30.08 32.41 32.73
N ASN A 630 29.18 31.67 33.39
CA ASN A 630 29.00 31.85 34.82
C ASN A 630 29.07 30.53 35.59
N GLY A 631 30.21 30.28 36.20
CA GLY A 631 30.41 29.08 37.01
C GLY A 631 31.28 29.40 38.21
N ASP A 632 31.35 28.47 39.16
CA ASP A 632 32.22 28.65 40.32
C ASP A 632 33.65 28.19 40.03
N GLU A 633 33.84 27.54 38.88
CA GLU A 633 35.15 27.24 38.31
C GLU A 633 35.00 27.32 36.79
N HIS A 634 36.03 27.87 36.13
CA HIS A 634 36.15 27.83 34.66
C HIS A 634 37.45 27.10 34.35
N LEU A 635 37.34 25.86 33.91
CA LEU A 635 38.52 25.01 33.71
C LEU A 635 38.70 24.63 32.25
N PHE A 636 39.77 25.15 31.65
CA PHE A 636 40.07 24.92 30.25
C PHE A 636 41.05 23.77 30.10
N GLN A 637 40.53 22.66 29.61
CA GLN A 637 41.23 21.39 29.53
C GLN A 637 41.70 21.10 28.12
N SER A 638 42.85 20.43 28.03
CA SER A 638 43.38 19.83 26.80
C SER A 638 44.00 20.76 25.76
N ALA A 639 43.88 22.07 25.97
CA ALA A 639 44.42 23.04 25.01
C ALA A 639 44.63 24.42 25.62
N ASP A 640 45.54 25.17 24.99
CA ASP A 640 45.80 26.56 25.33
C ASP A 640 44.51 27.37 25.19
N VAL A 641 44.40 28.44 25.97
CA VAL A 641 43.34 29.43 25.83
C VAL A 641 43.89 30.50 24.88
N LYS A 642 43.38 30.54 23.65
CA LYS A 642 43.93 31.41 22.61
CA LYS A 642 43.93 31.40 22.59
C LYS A 642 42.91 32.36 22.01
N PRO A 643 43.37 33.52 21.52
CA PRO A 643 42.48 34.33 20.69
C PRO A 643 42.44 33.68 19.31
N TYR A 644 41.35 33.87 18.59
CA TYR A 644 41.19 33.31 17.24
C TYR A 644 42.17 33.96 16.28
N ASN A 645 42.33 35.28 16.41
CA ASN A 645 43.26 36.04 15.58
C ASN A 645 44.53 36.45 16.32
N ASP A 646 45.53 36.87 15.56
CA ASP A 646 46.83 37.20 16.14
C ASP A 646 46.95 38.70 16.45
N ASN A 647 47.22 39.00 17.71
CA ASN A 647 47.49 40.37 18.16
C ASN A 647 46.37 41.36 17.84
N VAL A 648 45.13 40.90 18.07
CA VAL A 648 43.93 41.69 17.79
C VAL A 648 43.07 41.90 19.05
N THR A 649 42.96 40.86 19.87
CA THR A 649 42.13 40.93 21.08
C THR A 649 42.99 40.76 22.33
N ALA A 650 42.49 41.25 23.46
CA ALA A 650 43.24 41.28 24.71
C ALA A 650 42.71 40.32 25.75
N LEU A 651 43.51 40.09 26.79
CA LEU A 651 43.02 39.55 28.04
C LEU A 651 42.63 40.74 28.93
N GLY A 652 41.36 40.79 29.30
CA GLY A 652 40.84 41.87 30.15
C GLY A 652 40.69 43.21 29.44
N GLY A 653 40.38 44.23 30.23
CA GLY A 653 40.25 45.61 29.75
C GLY A 653 40.41 46.56 30.93
N PRO A 654 40.43 47.89 30.66
CA PRO A 654 40.62 48.89 31.72
C PRO A 654 39.58 48.83 32.83
N SER A 655 38.35 48.42 32.47
CA SER A 655 37.25 48.29 33.43
C SER A 655 36.93 46.83 33.73
N ASN A 656 37.76 45.92 33.22
CA ASN A 656 37.62 44.48 33.46
C ASN A 656 39.01 43.86 33.62
N ARG A 657 39.70 44.22 34.69
CA ARG A 657 41.04 43.69 34.93
C ARG A 657 40.99 42.36 35.65
N PHE A 658 41.83 41.42 35.24
CA PHE A 658 42.10 40.24 36.03
C PHE A 658 42.99 40.67 37.19
N THR A 659 42.79 40.09 38.37
CA THR A 659 43.59 40.47 39.56
C THR A 659 45.09 40.29 39.28
N THR A 660 45.42 39.17 38.65
CA THR A 660 46.79 38.82 38.27
C THR A 660 46.74 37.63 37.29
N ALA A 661 47.90 37.17 36.85
CA ALA A 661 48.00 35.94 36.07
C ALA A 661 49.03 35.02 36.74
N TYR A 662 48.62 33.78 37.01
CA TYR A 662 49.50 32.76 37.58
C TYR A 662 50.18 32.00 36.45
N LEU A 663 51.49 32.16 36.34
CA LEU A 663 52.25 31.63 35.22
C LEU A 663 53.44 30.81 35.70
N GLY A 664 53.88 29.88 34.86
CA GLY A 664 55.06 29.05 35.14
C GLY A 664 56.33 29.68 34.59
N SER A 665 56.16 30.80 33.88
CA SER A 665 57.25 31.56 33.30
C SER A 665 56.76 32.96 32.92
N ASN A 666 57.70 33.90 32.72
CA ASN A 666 57.34 35.25 32.28
C ASN A 666 56.59 35.26 30.95
N PRO A 667 55.70 36.26 30.75
CA PRO A 667 55.05 36.37 29.45
C PRO A 667 56.05 36.46 28.30
N ILE A 668 55.76 35.79 27.19
CA ILE A 668 56.54 35.89 25.96
C ILE A 668 55.96 37.03 25.13
N VAL A 669 56.68 38.14 25.11
CA VAL A 669 56.24 39.36 24.43
CA VAL A 669 56.25 39.37 24.44
C VAL A 669 57.05 39.60 23.15
N THR A 670 56.34 39.75 22.03
CA THR A 670 56.98 39.98 20.73
CA THR A 670 56.98 39.98 20.73
C THR A 670 56.17 40.91 19.84
C1 SLB B . 18.23 -26.21 20.41
C2 SLB B . 19.31 -25.66 21.29
C3 SLB B . 20.78 -25.98 20.99
C4 SLB B . 21.49 -24.64 20.84
C5 SLB B . 21.28 -23.82 22.11
C6 SLB B . 19.80 -23.52 22.32
C7 SLB B . 19.60 -22.86 23.68
C8 SLB B . 18.13 -22.51 23.87
C9 SLB B . 17.91 -22.00 25.30
C10 SLB B . 23.00 -22.33 22.97
C11 SLB B . 23.68 -21.01 22.86
N5 SLB B . 22.03 -22.58 22.09
O1A SLB B . 18.17 -25.79 19.23
O1B SLB B . 17.42 -27.03 20.88
O2 SLB B . 19.37 -24.59 20.34
O4 SLB B . 22.91 -24.81 20.63
O6 SLB B . 18.99 -24.69 22.30
O7 SLB B . 19.98 -23.79 24.69
O8 SLB B . 17.73 -21.52 22.92
O9 SLB B . 17.43 -23.10 26.09
O10 SLB B . 23.31 -23.15 23.82
C1 SIA B . 16.51 -22.42 21.02
C2 SIA B . 16.69 -21.33 22.06
C3 SIA B . 16.76 -19.95 21.40
C4 SIA B . 15.41 -19.55 20.79
C5 SIA B . 14.32 -19.59 21.87
C6 SIA B . 14.31 -20.95 22.57
C7 SIA B . 13.37 -20.95 23.78
C8 SIA B . 13.30 -22.28 24.53
C9 SIA B . 12.75 -23.40 23.66
C10 SIA B . 12.16 -18.54 21.46
C11 SIA B . 10.86 -18.64 20.74
N5 SIA B . 13.02 -19.53 21.20
O1A SIA B . 15.74 -23.38 21.24
O1B SIA B . 17.15 -22.34 19.96
O4 SIA B . 15.49 -18.24 20.24
O6 SIA B . 15.63 -21.33 23.03
O7 SIA B . 13.80 -19.95 24.71
O8 SIA B . 14.61 -22.63 25.00
O9 SIA B . 13.83 -24.20 23.15
O10 SIA B . 12.42 -17.63 22.24
C1 SLB C . 22.70 36.02 37.76
C2 SLB C . 21.52 35.61 36.93
C3 SLB C . 21.62 34.51 35.88
C4 SLB C . 20.31 34.17 35.22
C5 SLB C . 19.30 35.31 35.18
C6 SLB C . 19.09 35.95 36.55
C7 SLB C . 18.24 37.22 36.54
C8 SLB C . 18.20 37.83 37.94
C9 SLB C . 17.39 39.13 37.99
C10 SLB C . 17.41 35.22 33.61
C11 SLB C . 16.07 34.62 33.33
N5 SLB C . 18.00 34.82 34.73
O1A SLB C . 22.75 37.23 38.04
O1B SLB C . 23.58 35.19 38.12
O2 SLB C . 21.12 34.57 37.87
O4 SLB C . 20.62 33.70 33.91
O6 SLB C . 20.32 36.31 37.21
O7 SLB C . 18.82 38.15 35.61
O8 SLB C . 17.64 36.90 38.88
O9 SLB C . 16.02 38.84 37.69
O10 SLB C . 17.91 36.05 32.86
#